data_5H6G
#
_entry.id   5H6G
#
_cell.length_a   129.500
_cell.length_b   129.500
_cell.length_c   137.830
_cell.angle_alpha   90.000
_cell.angle_beta   90.000
_cell.angle_gamma   120.000
#
_symmetry.space_group_name_H-M   'P 32 2 1'
#
loop_
_entity.id
_entity.type
_entity.pdbx_description
1 polymer 'Putative secreted lipase'
2 non-polymer 'PHOSPHATE ION'
3 non-polymer 'CHLORIDE ION'
4 non-polymer 'POTASSIUM ION'
5 non-polymer GLYCEROL
6 water water
#
_entity_poly.entity_id   1
_entity_poly.type   'polypeptide(L)'
_entity_poly.pdbx_seq_one_letter_code
;ATATAATPAAEATSRGWNDYSCKPSAAHPRPVVLVHGTFGNSIDNWLVLAPYLVNRGYCVFSLDYGQLPGVPFFHGLGPI
DKSAEQLDVFVDKVLDATGAPKADLVGHSQGGMMPNYYLKFLGGADKVNALVGIAPDNHGTTLLGLTKLLPFFPGVEKFI
SDNTPGLADQVAGSPFITKLTAGGDTVPGVRYTVIATKYDQVVTPYRTQYLDGPNVRNVLLQDLCPVDLSEHVAIGTIDR
IAFHEVANALDPARATPTTCASVIGHHHHHH
;
_entity_poly.pdbx_strand_id   A,B,C
#
# COMPACT_ATOMS: atom_id res chain seq x y z
N THR A 13 -14.70 4.98 -38.97
CA THR A 13 -13.27 4.98 -38.48
C THR A 13 -13.20 5.57 -37.04
N SER A 14 -12.67 4.78 -36.09
CA SER A 14 -12.72 5.14 -34.66
C SER A 14 -11.39 4.93 -33.91
N ARG A 15 -10.30 4.73 -34.64
CA ARG A 15 -8.96 4.78 -34.08
C ARG A 15 -8.08 5.36 -35.17
N GLY A 16 -6.98 5.98 -34.80
CA GLY A 16 -6.09 6.60 -35.78
C GLY A 16 -5.09 7.57 -35.17
N TRP A 17 -4.12 7.98 -35.99
CA TRP A 17 -3.10 8.95 -35.60
C TRP A 17 -3.11 10.11 -36.60
N ASN A 18 -3.54 11.27 -36.15
CA ASN A 18 -3.65 12.45 -37.01
C ASN A 18 -4.58 12.21 -38.21
N ASP A 19 -5.63 11.43 -37.95
CA ASP A 19 -6.67 11.15 -38.90
C ASP A 19 -7.83 12.00 -38.44
N TYR A 20 -8.09 13.08 -39.18
CA TYR A 20 -9.11 14.05 -38.81
C TYR A 20 -10.54 13.60 -39.13
N SER A 21 -10.70 12.41 -39.71
CA SER A 21 -12.02 11.77 -39.81
C SER A 21 -12.31 10.83 -38.62
N CYS A 22 -11.35 10.67 -37.71
CA CYS A 22 -11.51 9.74 -36.60
C CYS A 22 -12.63 10.22 -35.69
N LYS A 23 -13.44 9.27 -35.22
CA LYS A 23 -14.64 9.52 -34.44
C LYS A 23 -14.55 8.70 -33.15
N PRO A 24 -14.18 9.36 -32.02
CA PRO A 24 -14.00 8.72 -30.73
C PRO A 24 -15.14 7.78 -30.43
N SER A 25 -14.80 6.56 -30.00
CA SER A 25 -15.80 5.54 -29.66
C SER A 25 -16.45 5.85 -28.32
N ALA A 26 -17.50 5.10 -27.98
CA ALA A 26 -18.15 5.23 -26.66
C ALA A 26 -17.22 4.80 -25.55
N ALA A 27 -16.40 3.78 -25.82
CA ALA A 27 -15.42 3.28 -24.85
C ALA A 27 -14.28 4.30 -24.57
N HIS A 28 -13.92 5.08 -25.59
CA HIS A 28 -12.83 6.08 -25.52
C HIS A 28 -13.28 7.38 -26.23
N PRO A 29 -14.20 8.14 -25.58
CA PRO A 29 -14.89 9.26 -26.23
C PRO A 29 -14.10 10.57 -26.29
N ARG A 30 -12.89 10.59 -25.74
CA ARG A 30 -12.06 11.78 -25.84
C ARG A 30 -10.85 11.50 -26.75
N PRO A 31 -10.63 12.38 -27.76
CA PRO A 31 -9.39 12.25 -28.52
C PRO A 31 -8.21 12.59 -27.63
N VAL A 32 -7.06 12.03 -27.97
CA VAL A 32 -5.84 12.23 -27.21
C VAL A 32 -4.95 13.14 -28.01
N VAL A 33 -4.49 14.22 -27.37
CA VAL A 33 -3.50 15.11 -27.97
C VAL A 33 -2.14 14.85 -27.34
N LEU A 34 -1.18 14.51 -28.18
CA LEU A 34 0.18 14.20 -27.78
C LEU A 34 1.04 15.44 -27.97
N VAL A 35 1.82 15.81 -26.95
CA VAL A 35 2.57 17.06 -26.92
C VAL A 35 4.06 16.82 -26.66
N HIS A 36 4.86 16.99 -27.71
CA HIS A 36 6.28 16.67 -27.65
C HIS A 36 7.12 17.57 -26.72
N GLY A 37 8.36 17.15 -26.52
CA GLY A 37 9.34 17.83 -25.67
C GLY A 37 10.28 18.74 -26.43
N THR A 38 11.29 19.21 -25.72
CA THR A 38 12.28 20.14 -26.26
C THR A 38 13.12 19.42 -27.29
N PHE A 39 13.25 20.04 -28.47
CA PHE A 39 13.96 19.47 -29.63
C PHE A 39 13.20 18.38 -30.36
N GLY A 40 11.93 18.20 -30.02
CA GLY A 40 11.12 17.12 -30.55
C GLY A 40 10.18 17.59 -31.63
N ASN A 41 9.43 16.63 -32.18
CA ASN A 41 8.38 16.92 -33.15
C ASN A 41 7.20 15.96 -32.96
N SER A 42 6.16 16.17 -33.76
CA SER A 42 4.91 15.42 -33.69
C SER A 42 4.98 13.94 -34.03
N ILE A 43 6.06 13.50 -34.71
CA ILE A 43 6.16 12.13 -35.19
C ILE A 43 7.16 11.35 -34.32
N ASP A 44 8.39 11.83 -34.28
CA ASP A 44 9.48 11.06 -33.72
C ASP A 44 9.38 10.77 -32.23
N ASN A 45 8.82 11.68 -31.44
CA ASN A 45 8.59 11.46 -29.99
C ASN A 45 7.59 10.29 -29.74
N TRP A 46 6.69 10.07 -30.68
CA TRP A 46 5.51 9.24 -30.47
C TRP A 46 5.43 7.99 -31.35
N LEU A 47 6.54 7.53 -31.92
CA LEU A 47 6.52 6.34 -32.76
C LEU A 47 6.14 5.08 -32.00
N VAL A 48 6.38 5.04 -30.69
CA VAL A 48 5.85 3.94 -29.86
C VAL A 48 4.47 4.27 -29.26
N LEU A 49 4.35 5.42 -28.58
CA LEU A 49 3.12 5.72 -27.83
C LEU A 49 1.87 5.86 -28.68
N ALA A 50 1.98 6.51 -29.84
CA ALA A 50 0.80 6.72 -30.66
C ALA A 50 0.18 5.41 -31.16
N PRO A 51 0.96 4.53 -31.83
CA PRO A 51 0.35 3.23 -32.22
C PRO A 51 -0.09 2.38 -31.04
N TYR A 52 0.64 2.44 -29.93
CA TYR A 52 0.22 1.86 -28.66
C TYR A 52 -1.22 2.27 -28.26
N LEU A 53 -1.53 3.57 -28.39
CA LEU A 53 -2.88 4.06 -28.07
C LEU A 53 -3.86 3.81 -29.20
N VAL A 54 -3.40 3.85 -30.45
CA VAL A 54 -4.24 3.51 -31.58
C VAL A 54 -4.77 2.10 -31.42
N ASN A 55 -3.90 1.14 -31.08
CA ASN A 55 -4.32 -0.28 -30.92
C ASN A 55 -5.20 -0.54 -29.70
N ARG A 56 -5.22 0.37 -28.74
CA ARG A 56 -6.16 0.32 -27.62
C ARG A 56 -7.49 1.05 -27.89
N GLY A 57 -7.68 1.60 -29.09
CA GLY A 57 -8.98 2.20 -29.51
C GLY A 57 -9.16 3.72 -29.43
N TYR A 58 -8.06 4.46 -29.25
CA TYR A 58 -8.10 5.93 -29.12
C TYR A 58 -7.94 6.61 -30.48
N CYS A 59 -8.64 7.74 -30.66
CA CYS A 59 -8.32 8.71 -31.72
C CYS A 59 -7.19 9.60 -31.21
N VAL A 60 -6.00 9.42 -31.79
CA VAL A 60 -4.79 10.11 -31.35
C VAL A 60 -4.36 11.22 -32.32
N PHE A 61 -3.83 12.30 -31.77
CA PHE A 61 -3.38 13.45 -32.54
C PHE A 61 -2.11 13.98 -31.91
N SER A 62 -1.20 14.49 -32.73
CA SER A 62 0.02 15.09 -32.23
C SER A 62 0.34 16.36 -33.02
N LEU A 63 0.85 17.37 -32.33
CA LEU A 63 1.14 18.67 -32.93
C LEU A 63 2.63 18.97 -32.93
N ASP A 64 3.00 19.92 -33.77
CA ASP A 64 4.31 20.56 -33.71
C ASP A 64 4.11 21.91 -33.08
N TYR A 65 5.06 22.37 -32.29
CA TYR A 65 4.96 23.67 -31.63
C TYR A 65 6.34 24.24 -31.39
N GLY A 66 6.40 25.56 -31.28
CA GLY A 66 7.65 26.30 -31.07
C GLY A 66 8.69 26.14 -32.16
N GLN A 67 8.23 25.97 -33.39
CA GLN A 67 9.13 25.90 -34.54
C GLN A 67 9.92 27.21 -34.67
N LEU A 68 11.20 27.09 -34.94
CA LEU A 68 12.07 28.23 -35.18
C LEU A 68 12.20 28.29 -36.71
N PRO A 69 12.11 29.50 -37.30
CA PRO A 69 12.29 29.63 -38.77
C PRO A 69 13.63 29.11 -39.29
N GLY A 70 13.59 28.28 -40.34
CA GLY A 70 14.82 27.70 -40.88
C GLY A 70 15.56 26.73 -39.95
N VAL A 71 14.82 26.08 -39.04
CA VAL A 71 15.36 25.06 -38.12
C VAL A 71 14.39 23.90 -38.19
N PRO A 72 14.57 22.99 -39.16
CA PRO A 72 13.65 21.86 -39.31
C PRO A 72 13.91 20.77 -38.23
N PHE A 73 12.88 19.94 -37.96
CA PHE A 73 12.93 18.73 -37.09
C PHE A 73 12.91 18.97 -35.59
N PHE A 74 13.66 19.96 -35.13
CA PHE A 74 13.86 20.22 -33.72
C PHE A 74 12.98 21.37 -33.29
N HIS A 75 11.82 21.05 -32.70
CA HIS A 75 10.85 22.06 -32.31
C HIS A 75 10.89 22.26 -30.81
N GLY A 76 9.93 23.02 -30.26
CA GLY A 76 9.97 23.38 -28.84
C GLY A 76 11.03 24.41 -28.48
N LEU A 77 11.38 25.26 -29.44
CA LEU A 77 12.45 26.23 -29.28
C LEU A 77 11.93 27.64 -29.09
N GLY A 78 10.74 27.93 -29.61
CA GLY A 78 10.15 29.25 -29.49
C GLY A 78 9.65 29.51 -28.08
N PRO A 79 9.19 30.75 -27.82
CA PRO A 79 8.71 31.13 -26.47
C PRO A 79 7.46 30.35 -26.05
N ILE A 80 7.46 29.89 -24.79
CA ILE A 80 6.55 28.85 -24.36
C ILE A 80 5.11 29.39 -24.22
N ASP A 81 4.95 30.66 -23.87
CA ASP A 81 3.62 31.29 -23.87
C ASP A 81 2.96 31.21 -25.24
N LYS A 82 3.76 31.39 -26.30
CA LYS A 82 3.26 31.28 -27.67
C LYS A 82 3.00 29.83 -28.03
N SER A 83 3.88 28.93 -27.60
CA SER A 83 3.68 27.51 -27.82
C SER A 83 2.34 27.06 -27.21
N ALA A 84 2.02 27.57 -26.05
CA ALA A 84 0.71 27.34 -25.44
C ALA A 84 -0.44 27.88 -26.27
N GLU A 85 -0.23 29.02 -26.94
CA GLU A 85 -1.24 29.49 -27.91
C GLU A 85 -1.39 28.53 -29.09
N GLN A 86 -0.28 28.00 -29.59
CA GLN A 86 -0.33 27.01 -30.68
C GLN A 86 -1.07 25.75 -30.25
N LEU A 87 -0.90 25.35 -28.99
CA LEU A 87 -1.59 24.22 -28.44
C LEU A 87 -3.09 24.51 -28.40
N ASP A 88 -3.46 25.68 -27.89
CA ASP A 88 -4.86 26.17 -27.87
C ASP A 88 -5.55 26.02 -29.22
N VAL A 89 -4.90 26.51 -30.27
CA VAL A 89 -5.40 26.44 -31.64
C VAL A 89 -5.64 24.97 -32.07
N PHE A 90 -4.67 24.12 -31.80
CA PHE A 90 -4.68 22.72 -32.22
C PHE A 90 -5.80 21.94 -31.56
N VAL A 91 -5.89 22.07 -30.24
CA VAL A 91 -6.93 21.38 -29.47
C VAL A 91 -8.31 21.75 -30.02
N ASP A 92 -8.58 23.05 -30.13
CA ASP A 92 -9.84 23.51 -30.77
C ASP A 92 -10.12 22.82 -32.10
N LYS A 93 -9.14 22.74 -33.00
CA LYS A 93 -9.43 22.15 -34.30
C LYS A 93 -9.61 20.60 -34.23
N VAL A 94 -8.92 19.96 -33.28
CA VAL A 94 -9.16 18.56 -33.00
C VAL A 94 -10.58 18.33 -32.49
N LEU A 95 -11.05 19.19 -31.59
CA LEU A 95 -12.41 19.08 -31.06
C LEU A 95 -13.52 19.40 -32.06
N ASP A 96 -13.31 20.41 -32.92
CA ASP A 96 -14.24 20.74 -34.00
C ASP A 96 -14.31 19.62 -35.03
N ALA A 97 -13.17 19.04 -35.39
CA ALA A 97 -13.16 17.97 -36.41
C ALA A 97 -13.82 16.70 -35.89
N THR A 98 -13.55 16.39 -34.63
CA THR A 98 -14.00 15.19 -33.99
C THR A 98 -15.42 15.29 -33.35
N GLY A 99 -15.91 16.50 -33.06
CA GLY A 99 -17.18 16.70 -32.36
C GLY A 99 -17.25 16.42 -30.86
N ALA A 100 -16.11 16.03 -30.26
CA ALA A 100 -16.05 15.74 -28.83
C ALA A 100 -16.00 17.05 -28.00
N PRO A 101 -16.51 17.00 -26.76
CA PRO A 101 -16.50 18.20 -25.94
C PRO A 101 -15.13 18.49 -25.29
N LYS A 102 -14.33 17.46 -25.03
CA LYS A 102 -13.03 17.63 -24.39
C LYS A 102 -12.00 16.67 -24.94
N ALA A 103 -10.73 17.05 -24.78
CA ALA A 103 -9.60 16.17 -25.14
C ALA A 103 -8.85 15.76 -23.88
N ASP A 104 -8.09 14.67 -23.98
CA ASP A 104 -7.08 14.33 -22.99
C ASP A 104 -5.72 14.68 -23.61
N LEU A 105 -4.83 15.22 -22.79
CA LEU A 105 -3.50 15.63 -23.23
C LEU A 105 -2.43 14.74 -22.61
N VAL A 106 -1.45 14.32 -23.41
CA VAL A 106 -0.28 13.62 -22.87
C VAL A 106 0.94 14.31 -23.43
N GLY A 107 1.83 14.73 -22.54
CA GLY A 107 3.01 15.47 -22.96
C GLY A 107 4.28 14.99 -22.27
N HIS A 108 5.39 15.12 -22.98
CA HIS A 108 6.71 14.71 -22.51
C HIS A 108 7.55 15.94 -22.24
N SER A 109 8.20 15.99 -21.09
CA SER A 109 9.14 17.04 -20.75
C SER A 109 8.50 18.43 -20.87
N GLN A 110 9.07 19.34 -21.65
CA GLN A 110 8.44 20.65 -21.87
C GLN A 110 6.99 20.45 -22.19
N GLY A 111 6.70 19.39 -22.95
CA GLY A 111 5.36 19.09 -23.43
C GLY A 111 4.32 18.75 -22.39
N GLY A 112 4.76 18.18 -21.27
CA GLY A 112 3.91 17.90 -20.09
C GLY A 112 3.77 19.07 -19.13
N MET A 113 4.71 20.02 -19.18
CA MET A 113 4.63 21.26 -18.41
C MET A 113 3.85 22.37 -19.12
N MET A 114 4.08 22.54 -20.43
CA MET A 114 3.53 23.67 -21.18
C MET A 114 1.99 23.75 -21.20
N PRO A 115 1.30 22.59 -21.31
CA PRO A 115 -0.15 22.65 -21.25
C PRO A 115 -0.73 23.30 -20.01
N ASN A 116 0.02 23.32 -18.91
CA ASN A 116 -0.44 24.01 -17.70
C ASN A 116 -0.62 25.50 -17.92
N TYR A 117 0.15 26.08 -18.82
CA TYR A 117 0.00 27.50 -19.17
C TYR A 117 -1.30 27.68 -19.92
N TYR A 118 -1.59 26.74 -20.82
CA TYR A 118 -2.85 26.69 -21.59
C TYR A 118 -4.06 26.53 -20.66
N LEU A 119 -3.94 25.68 -19.63
CA LEU A 119 -5.05 25.45 -18.70
C LEU A 119 -5.32 26.68 -17.87
N LYS A 120 -4.26 27.35 -17.42
CA LYS A 120 -4.40 28.45 -16.47
C LYS A 120 -4.78 29.79 -17.12
N PHE A 121 -4.21 30.11 -18.27
CA PHE A 121 -4.37 31.45 -18.84
C PHE A 121 -5.07 31.53 -20.18
N LEU A 122 -5.32 30.40 -20.85
CA LEU A 122 -5.98 30.40 -22.16
C LEU A 122 -7.31 29.65 -22.23
N GLY A 123 -7.98 29.46 -21.10
CA GLY A 123 -9.29 28.74 -21.07
C GLY A 123 -9.27 27.24 -21.34
N GLY A 124 -8.09 26.63 -21.21
CA GLY A 124 -7.92 25.21 -21.47
C GLY A 124 -8.70 24.27 -20.55
N ALA A 125 -9.01 24.70 -19.33
CA ALA A 125 -9.74 23.86 -18.38
C ALA A 125 -11.07 23.31 -18.95
N ASP A 126 -11.78 24.16 -19.70
CA ASP A 126 -13.04 23.80 -20.36
C ASP A 126 -12.95 22.72 -21.44
N LYS A 127 -11.76 22.53 -22.02
CA LYS A 127 -11.55 21.65 -23.18
C LYS A 127 -10.72 20.42 -22.89
N VAL A 128 -10.22 20.29 -21.66
CA VAL A 128 -9.32 19.23 -21.27
C VAL A 128 -9.90 18.43 -20.11
N ASN A 129 -10.04 17.12 -20.28
CA ASN A 129 -10.49 16.26 -19.17
C ASN A 129 -9.26 15.89 -18.36
N ALA A 130 -8.21 15.40 -19.02
CA ALA A 130 -7.01 14.96 -18.29
C ALA A 130 -5.74 15.48 -18.91
N LEU A 131 -4.74 15.70 -18.06
CA LEU A 131 -3.41 16.07 -18.47
C LEU A 131 -2.47 15.08 -17.82
N VAL A 132 -1.79 14.28 -18.67
CA VAL A 132 -0.77 13.36 -18.23
C VAL A 132 0.58 13.88 -18.68
N GLY A 133 1.45 14.17 -17.73
CA GLY A 133 2.80 14.62 -17.98
C GLY A 133 3.78 13.50 -17.73
N ILE A 134 4.63 13.21 -18.72
CA ILE A 134 5.71 12.24 -18.56
C ILE A 134 7.00 13.01 -18.35
N ALA A 135 7.60 12.89 -17.18
CA ALA A 135 8.77 13.71 -16.79
C ALA A 135 8.62 15.21 -17.12
N PRO A 136 7.52 15.86 -16.68
CA PRO A 136 7.30 17.28 -16.97
C PRO A 136 8.09 18.20 -16.08
N ASP A 137 8.72 19.23 -16.63
CA ASP A 137 9.37 20.23 -15.77
C ASP A 137 8.42 21.29 -15.22
N ASN A 138 7.50 20.84 -14.36
CA ASN A 138 6.38 21.65 -13.88
C ASN A 138 6.76 22.84 -13.00
N HIS A 139 7.88 22.76 -12.28
CA HIS A 139 8.44 23.94 -11.60
C HIS A 139 9.82 24.33 -12.14
N GLY A 140 10.03 24.06 -13.43
CA GLY A 140 11.25 24.47 -14.14
C GLY A 140 12.42 23.53 -13.96
N THR A 141 13.53 23.89 -14.59
CA THR A 141 14.78 23.15 -14.51
C THR A 141 15.94 24.17 -14.66
N THR A 142 17.11 23.71 -15.10
CA THR A 142 18.23 24.61 -15.45
C THR A 142 18.66 24.42 -16.87
N LEU A 143 19.39 25.40 -17.37
CA LEU A 143 19.95 25.33 -18.70
C LEU A 143 20.89 24.12 -18.77
N LEU A 144 21.67 23.92 -17.72
CA LEU A 144 22.60 22.80 -17.69
C LEU A 144 21.89 21.45 -17.84
N GLY A 145 20.71 21.32 -17.23
CA GLY A 145 19.88 20.13 -17.37
C GLY A 145 19.34 19.92 -18.78
N LEU A 146 18.91 21.00 -19.43
CA LEU A 146 18.44 20.92 -20.82
C LEU A 146 19.57 20.53 -21.80
N THR A 147 20.77 20.93 -21.44
CA THR A 147 22.00 20.56 -22.13
C THR A 147 22.19 19.04 -22.24
N LYS A 148 21.79 18.31 -21.20
CA LYS A 148 21.84 16.82 -21.18
C LYS A 148 20.95 16.14 -22.24
N LEU A 149 20.00 16.87 -22.82
CA LEU A 149 19.26 16.39 -23.97
C LEU A 149 20.07 16.35 -25.25
N LEU A 150 21.16 17.13 -25.32
CA LEU A 150 21.86 17.34 -26.61
C LEU A 150 22.46 16.09 -27.28
N PRO A 151 23.02 15.14 -26.49
CA PRO A 151 23.48 13.87 -27.12
C PRO A 151 22.42 13.12 -27.89
N PHE A 152 21.13 13.32 -27.56
CA PHE A 152 20.02 12.68 -28.28
C PHE A 152 19.59 13.46 -29.55
N PHE A 153 19.91 14.73 -29.62
CA PHE A 153 19.54 15.57 -30.75
C PHE A 153 20.77 16.31 -31.22
N PRO A 154 21.82 15.58 -31.64
CA PRO A 154 22.98 16.32 -32.13
C PRO A 154 22.60 16.93 -33.49
N GLY A 155 23.11 18.11 -33.78
CA GLY A 155 22.68 18.80 -34.98
C GLY A 155 21.71 19.91 -34.69
N VAL A 156 21.06 19.88 -33.52
CA VAL A 156 20.33 21.03 -33.03
C VAL A 156 21.28 22.02 -32.40
N GLU A 157 22.44 21.55 -31.93
CA GLU A 157 23.34 22.38 -31.13
C GLU A 157 23.75 23.72 -31.82
N LYS A 158 23.90 23.70 -33.14
CA LYS A 158 24.24 24.91 -33.90
C LYS A 158 23.11 25.91 -34.10
N PHE A 159 21.86 25.55 -33.80
CA PHE A 159 20.73 26.48 -33.93
C PHE A 159 20.34 27.17 -32.63
N ILE A 160 21.00 26.85 -31.52
CA ILE A 160 20.58 27.36 -30.20
C ILE A 160 21.66 28.19 -29.50
N SER A 161 21.22 28.85 -28.44
CA SER A 161 22.11 29.55 -27.53
C SER A 161 21.47 29.52 -26.14
N ASP A 162 22.21 30.03 -25.16
CA ASP A 162 21.71 30.27 -23.80
C ASP A 162 20.36 31.02 -23.75
N ASN A 163 20.08 31.84 -24.76
CA ASN A 163 18.90 32.72 -24.88
C ASN A 163 17.77 32.16 -25.73
N THR A 164 17.92 30.96 -26.29
CA THR A 164 16.81 30.40 -27.04
C THR A 164 15.59 30.37 -26.09
N PRO A 165 14.49 31.05 -26.49
CA PRO A 165 13.41 31.26 -25.51
C PRO A 165 12.82 29.95 -24.99
N GLY A 166 12.69 28.96 -25.86
CA GLY A 166 12.23 27.63 -25.47
C GLY A 166 13.08 26.98 -24.40
N LEU A 167 14.36 27.33 -24.35
CA LEU A 167 15.24 26.85 -23.31
C LEU A 167 15.15 27.74 -22.08
N ALA A 168 15.35 29.05 -22.27
CA ALA A 168 15.39 30.00 -21.15
C ALA A 168 14.08 30.10 -20.38
N ASP A 169 12.95 29.98 -21.08
CA ASP A 169 11.63 29.97 -20.43
C ASP A 169 11.40 28.81 -19.47
N GLN A 170 12.09 27.68 -19.69
CA GLN A 170 12.02 26.54 -18.77
C GLN A 170 12.85 26.67 -17.48
N VAL A 171 13.68 27.70 -17.37
CA VAL A 171 14.61 27.81 -16.24
C VAL A 171 13.87 28.29 -15.00
N ALA A 172 14.02 27.59 -13.87
CA ALA A 172 13.36 27.98 -12.62
C ALA A 172 13.74 29.40 -12.30
N GLY A 173 12.78 30.20 -11.83
CA GLY A 173 13.01 31.64 -11.58
C GLY A 173 12.95 32.55 -12.81
N SER A 174 12.76 31.99 -14.02
CA SER A 174 12.50 32.79 -15.23
C SER A 174 11.16 33.51 -15.14
N PRO A 175 10.95 34.54 -15.98
CA PRO A 175 9.60 35.17 -15.95
C PRO A 175 8.47 34.17 -16.26
N PHE A 176 8.66 33.31 -17.25
CA PHE A 176 7.65 32.30 -17.64
C PHE A 176 7.26 31.37 -16.47
N ILE A 177 8.25 30.76 -15.83
CA ILE A 177 7.99 29.78 -14.76
C ILE A 177 7.39 30.45 -13.56
N THR A 178 7.87 31.66 -13.27
CA THR A 178 7.38 32.49 -12.16
C THR A 178 5.88 32.76 -12.34
N LYS A 179 5.50 33.18 -13.55
CA LYS A 179 4.13 33.42 -13.90
C LYS A 179 3.29 32.13 -13.92
N LEU A 180 3.82 31.07 -14.50
CA LEU A 180 3.11 29.79 -14.53
C LEU A 180 2.76 29.25 -13.14
N THR A 181 3.67 29.41 -12.19
CA THR A 181 3.56 28.81 -10.86
C THR A 181 3.29 29.78 -9.71
N ALA A 182 2.97 31.05 -10.01
CA ALA A 182 2.52 32.02 -8.97
C ALA A 182 1.36 31.45 -8.16
N GLY A 183 0.32 30.99 -8.84
CA GLY A 183 -0.83 30.40 -8.15
C GLY A 183 -0.62 28.95 -7.78
N GLY A 184 -1.71 28.22 -7.61
CA GLY A 184 -1.66 26.78 -7.44
C GLY A 184 -1.14 26.04 -8.68
N ASP A 185 -0.74 24.79 -8.45
CA ASP A 185 -0.26 23.92 -9.53
C ASP A 185 -1.41 23.54 -10.47
N THR A 186 -2.60 23.32 -9.89
CA THR A 186 -3.72 22.78 -10.62
C THR A 186 -4.91 23.73 -10.72
N VAL A 187 -5.81 23.37 -11.60
CA VAL A 187 -6.97 24.14 -11.97
C VAL A 187 -8.14 23.19 -11.70
N PRO A 188 -9.33 23.70 -11.33
CA PRO A 188 -10.46 22.76 -11.07
C PRO A 188 -10.94 21.95 -12.31
N GLY A 189 -11.37 20.71 -12.09
CA GLY A 189 -12.01 19.88 -13.11
C GLY A 189 -11.13 19.10 -14.08
N VAL A 190 -9.81 19.22 -13.96
CA VAL A 190 -8.87 18.51 -14.82
C VAL A 190 -8.28 17.39 -13.94
N ARG A 191 -8.23 16.17 -14.46
CA ARG A 191 -7.55 15.07 -13.76
C ARG A 191 -6.09 15.03 -14.23
N TYR A 192 -5.16 15.18 -13.29
CA TYR A 192 -3.73 15.29 -13.63
C TYR A 192 -2.99 14.01 -13.25
N THR A 193 -2.16 13.52 -14.14
CA THR A 193 -1.26 12.41 -13.80
C THR A 193 0.15 12.89 -14.14
N VAL A 194 1.09 12.65 -13.24
CA VAL A 194 2.50 12.86 -13.47
C VAL A 194 3.23 11.53 -13.28
N ILE A 195 4.07 11.19 -14.28
CA ILE A 195 4.90 9.98 -14.27
C ILE A 195 6.34 10.42 -14.33
N ALA A 196 7.11 10.17 -13.27
CA ALA A 196 8.52 10.57 -13.21
C ALA A 196 9.42 9.39 -12.96
N THR A 197 10.70 9.57 -13.32
CA THR A 197 11.78 8.57 -13.08
C THR A 197 12.88 9.17 -12.20
N LYS A 198 13.33 8.42 -11.19
CA LYS A 198 14.38 8.91 -10.29
C LYS A 198 15.77 8.99 -10.94
N TYR A 199 15.95 8.38 -12.11
CA TYR A 199 17.20 8.56 -12.90
C TYR A 199 17.15 9.76 -13.86
N ASP A 200 16.21 10.68 -13.63
CA ASP A 200 16.10 11.87 -14.43
C ASP A 200 17.34 12.73 -14.18
N GLN A 201 18.04 13.02 -15.28
CA GLN A 201 19.24 13.86 -15.32
C GLN A 201 18.91 15.29 -15.78
N VAL A 202 17.77 15.47 -16.48
CA VAL A 202 17.43 16.73 -17.13
C VAL A 202 16.67 17.68 -16.18
N VAL A 203 15.78 17.14 -15.37
CA VAL A 203 14.94 17.94 -14.47
C VAL A 203 15.07 17.42 -13.05
N THR A 204 15.82 18.12 -12.22
CA THR A 204 16.15 17.66 -10.87
C THR A 204 15.98 18.79 -9.83
N PRO A 205 15.74 18.45 -8.56
CA PRO A 205 15.33 17.10 -8.13
C PRO A 205 13.99 16.68 -8.78
N TYR A 206 13.81 15.38 -8.99
CA TYR A 206 12.69 14.89 -9.77
C TYR A 206 11.31 15.17 -9.14
N ARG A 207 11.25 15.35 -7.83
CA ARG A 207 9.99 15.65 -7.14
C ARG A 207 9.35 17.00 -7.55
N THR A 208 10.16 17.90 -8.10
CA THR A 208 9.66 19.16 -8.66
C THR A 208 8.76 18.94 -9.89
N GLN A 209 8.80 17.75 -10.48
CA GLN A 209 7.94 17.42 -11.58
C GLN A 209 6.50 17.21 -11.12
N TYR A 210 6.34 16.75 -9.89
CA TYR A 210 5.04 16.48 -9.32
C TYR A 210 4.20 17.72 -9.11
N LEU A 211 2.89 17.50 -9.15
CA LEU A 211 1.89 18.56 -8.98
C LEU A 211 1.18 18.38 -7.64
N ASP A 212 1.07 19.47 -6.88
CA ASP A 212 0.27 19.50 -5.67
C ASP A 212 -1.19 19.99 -5.92
N GLY A 213 -2.15 19.11 -5.70
CA GLY A 213 -3.57 19.45 -5.82
C GLY A 213 -4.44 18.25 -5.55
N PRO A 214 -5.76 18.46 -5.45
CA PRO A 214 -6.65 17.34 -5.06
C PRO A 214 -6.89 16.24 -6.11
N ASN A 215 -6.78 16.57 -7.41
CA ASN A 215 -7.03 15.61 -8.51
C ASN A 215 -5.77 15.22 -9.24
N VAL A 216 -4.77 14.79 -8.47
CA VAL A 216 -3.45 14.52 -9.02
C VAL A 216 -2.98 13.16 -8.54
N ARG A 217 -2.55 12.35 -9.49
CA ARG A 217 -1.75 11.17 -9.21
C ARG A 217 -0.28 11.43 -9.69
N ASN A 218 0.64 11.37 -8.73
CA ASN A 218 2.07 11.47 -8.95
C ASN A 218 2.71 10.10 -8.79
N VAL A 219 3.26 9.57 -9.88
CA VAL A 219 3.77 8.21 -9.92
C VAL A 219 5.25 8.17 -10.26
N LEU A 220 6.00 7.46 -9.41
CA LEU A 220 7.40 7.14 -9.61
C LEU A 220 7.52 5.85 -10.40
N LEU A 221 8.09 5.94 -11.60
CA LEU A 221 8.30 4.80 -12.49
C LEU A 221 8.90 3.59 -11.76
N GLN A 222 9.88 3.83 -10.89
CA GLN A 222 10.54 2.74 -10.15
C GLN A 222 9.65 2.05 -9.08
N ASP A 223 8.56 2.69 -8.65
CA ASP A 223 7.57 2.03 -7.75
C ASP A 223 6.70 1.06 -8.52
N LEU A 224 6.60 1.24 -9.83
CA LEU A 224 5.89 0.31 -10.71
C LEU A 224 6.82 -0.84 -11.13
N CYS A 225 8.08 -0.52 -11.41
CA CYS A 225 9.11 -1.50 -11.75
C CYS A 225 10.47 -1.00 -11.27
N PRO A 226 11.01 -1.58 -10.19
CA PRO A 226 12.29 -1.06 -9.66
C PRO A 226 13.51 -1.16 -10.59
N VAL A 227 13.44 -2.04 -11.57
CA VAL A 227 14.55 -2.29 -12.51
C VAL A 227 14.39 -1.61 -13.88
N ASP A 228 13.29 -0.88 -14.08
CA ASP A 228 13.17 0.05 -15.18
C ASP A 228 14.02 1.26 -14.78
N LEU A 229 15.14 1.43 -15.49
CA LEU A 229 16.11 2.48 -15.18
C LEU A 229 16.10 3.61 -16.22
N SER A 230 15.00 3.74 -16.99
CA SER A 230 14.86 4.79 -17.99
C SER A 230 15.19 6.15 -17.42
N GLU A 231 15.93 6.95 -18.19
CA GLU A 231 16.22 8.33 -17.79
C GLU A 231 15.18 9.24 -18.49
N HIS A 232 15.42 10.54 -18.49
CA HIS A 232 14.47 11.54 -18.99
C HIS A 232 13.94 11.39 -20.39
N VAL A 233 14.81 11.03 -21.33
CA VAL A 233 14.39 10.92 -22.73
C VAL A 233 13.67 9.60 -23.00
N ALA A 234 14.19 8.53 -22.43
CA ALA A 234 13.66 7.20 -22.71
C ALA A 234 12.25 7.03 -22.16
N ILE A 235 11.98 7.63 -21.00
CA ILE A 235 10.67 7.51 -20.33
C ILE A 235 9.51 7.98 -21.20
N GLY A 236 9.74 9.03 -21.98
CA GLY A 236 8.72 9.62 -22.86
C GLY A 236 8.69 9.12 -24.30
N THR A 237 9.63 8.24 -24.66
CA THR A 237 9.79 7.83 -26.06
C THR A 237 9.60 6.33 -26.30
N ILE A 238 10.21 5.50 -25.45
CA ILE A 238 10.20 4.03 -25.67
C ILE A 238 9.71 3.18 -24.50
N ASP A 239 9.56 3.81 -23.33
CA ASP A 239 9.28 3.07 -22.13
C ASP A 239 7.81 2.60 -22.08
N ARG A 240 7.63 1.31 -22.35
CA ARG A 240 6.31 0.67 -22.46
C ARG A 240 5.62 0.58 -21.06
N ILE A 241 6.41 0.59 -20.00
CA ILE A 241 5.91 0.60 -18.63
C ILE A 241 5.22 1.94 -18.35
N ALA A 242 5.93 3.02 -18.66
CA ALA A 242 5.38 4.36 -18.58
C ALA A 242 4.14 4.49 -19.46
N PHE A 243 4.15 3.90 -20.66
CA PHE A 243 2.99 4.04 -21.54
C PHE A 243 1.77 3.23 -21.06
N HIS A 244 1.99 2.15 -20.32
CA HIS A 244 0.89 1.40 -19.73
C HIS A 244 0.19 2.25 -18.70
N GLU A 245 0.98 2.96 -17.91
CA GLU A 245 0.48 3.92 -16.94
C GLU A 245 -0.25 5.11 -17.60
N VAL A 246 0.26 5.58 -18.74
CA VAL A 246 -0.46 6.58 -19.53
C VAL A 246 -1.84 6.01 -19.86
N ALA A 247 -1.89 4.77 -20.36
CA ALA A 247 -3.16 4.14 -20.72
C ALA A 247 -4.08 3.95 -19.52
N ASN A 248 -3.55 3.65 -18.35
CA ASN A 248 -4.37 3.67 -17.12
C ASN A 248 -5.04 5.04 -16.86
N ALA A 249 -4.29 6.14 -17.01
CA ALA A 249 -4.83 7.50 -16.78
C ALA A 249 -5.88 7.93 -17.80
N LEU A 250 -5.77 7.43 -19.02
CA LEU A 250 -6.73 7.72 -20.07
C LEU A 250 -8.03 6.94 -19.99
N ASP A 251 -8.06 5.87 -19.20
CA ASP A 251 -9.30 5.11 -18.96
C ASP A 251 -9.21 4.51 -17.58
N PRO A 252 -9.35 5.36 -16.55
CA PRO A 252 -9.10 4.89 -15.15
C PRO A 252 -9.99 3.75 -14.65
N ALA A 253 -11.22 3.67 -15.14
CA ALA A 253 -12.16 2.67 -14.64
C ALA A 253 -11.75 1.28 -15.11
N ARG A 254 -10.95 1.22 -16.18
CA ARG A 254 -10.48 -0.07 -16.74
C ARG A 254 -8.99 -0.31 -16.56
N ALA A 255 -8.36 0.48 -15.69
CA ALA A 255 -6.93 0.37 -15.35
C ALA A 255 -6.60 -0.96 -14.72
N THR A 256 -5.40 -1.47 -15.03
CA THR A 256 -4.83 -2.66 -14.39
C THR A 256 -3.49 -2.22 -13.85
N PRO A 257 -2.99 -2.87 -12.78
CA PRO A 257 -1.68 -2.46 -12.23
C PRO A 257 -0.52 -2.55 -13.25
N THR A 258 0.31 -1.51 -13.31
CA THR A 258 1.47 -1.46 -14.18
C THR A 258 2.62 -2.09 -13.42
N THR A 259 3.25 -3.12 -14.01
CA THR A 259 4.41 -3.82 -13.40
C THR A 259 5.56 -3.92 -14.42
N CYS A 260 6.68 -4.47 -13.96
CA CYS A 260 7.81 -4.86 -14.82
C CYS A 260 7.34 -5.69 -16.03
N ALA A 261 6.32 -6.53 -15.85
CA ALA A 261 5.79 -7.35 -16.95
C ALA A 261 5.18 -6.54 -18.09
N SER A 262 4.85 -5.26 -17.87
CA SER A 262 4.36 -4.43 -18.96
C SER A 262 5.42 -4.08 -20.04
N VAL A 263 6.73 -4.40 -19.87
CA VAL A 263 7.71 -4.21 -20.99
C VAL A 263 7.40 -5.16 -22.16
N ILE A 264 7.19 -6.44 -21.79
CA ILE A 264 6.77 -7.53 -22.69
C ILE A 264 5.52 -7.12 -23.48
N GLY A 265 5.56 -7.28 -24.81
CA GLY A 265 4.46 -6.87 -25.70
C GLY A 265 3.48 -7.96 -26.11
N THR B 13 -2.25 21.18 18.90
CA THR B 13 -2.22 19.67 18.77
C THR B 13 -2.92 19.25 17.46
N SER B 14 -2.25 18.46 16.61
CA SER B 14 -2.70 18.25 15.22
C SER B 14 -2.64 16.79 14.69
N ARG B 15 -2.57 15.83 15.61
CA ARG B 15 -2.86 14.44 15.30
C ARG B 15 -3.48 13.86 16.55
N GLY B 16 -4.21 12.77 16.40
CA GLY B 16 -4.84 12.13 17.57
C GLY B 16 -5.94 11.19 17.16
N TRP B 17 -6.42 10.43 18.14
CA TRP B 17 -7.51 9.49 17.98
C TRP B 17 -8.52 9.85 19.06
N ASN B 18 -9.68 10.37 18.65
CA ASN B 18 -10.75 10.85 19.57
C ASN B 18 -10.32 11.96 20.52
N ASP B 19 -9.42 12.80 20.03
CA ASP B 19 -9.01 14.00 20.73
C ASP B 19 -9.76 15.11 20.04
N TYR B 20 -10.77 15.65 20.74
CA TYR B 20 -11.64 16.68 20.22
C TYR B 20 -10.98 18.06 20.24
N SER B 21 -9.78 18.16 20.79
CA SER B 21 -8.96 19.38 20.60
C SER B 21 -8.08 19.34 19.33
N CYS B 22 -8.12 18.23 18.58
CA CYS B 22 -7.23 18.02 17.44
C CYS B 22 -7.61 18.97 16.29
N LYS B 23 -6.63 19.70 15.78
CA LYS B 23 -6.84 20.66 14.68
C LYS B 23 -6.20 20.13 13.39
N PRO B 24 -7.01 19.79 12.39
CA PRO B 24 -6.43 19.33 11.13
C PRO B 24 -5.37 20.28 10.56
N SER B 25 -4.24 19.71 10.13
CA SER B 25 -3.10 20.44 9.57
C SER B 25 -3.36 20.79 8.10
N ALA B 26 -2.56 21.70 7.54
CA ALA B 26 -2.66 22.03 6.11
C ALA B 26 -2.38 20.80 5.22
N ALA B 27 -1.47 19.92 5.67
CA ALA B 27 -1.15 18.66 4.97
C ALA B 27 -2.34 17.71 4.97
N HIS B 28 -3.07 17.65 6.09
CA HIS B 28 -4.26 16.79 6.22
C HIS B 28 -5.45 17.55 6.79
N PRO B 29 -6.06 18.43 5.98
CA PRO B 29 -7.06 19.38 6.51
C PRO B 29 -8.44 18.78 6.85
N ARG B 30 -8.67 17.50 6.55
CA ARG B 30 -9.92 16.84 6.89
C ARG B 30 -9.72 15.82 7.98
N PRO B 31 -10.58 15.84 9.03
CA PRO B 31 -10.57 14.78 10.04
C PRO B 31 -11.07 13.50 9.45
N VAL B 32 -10.65 12.39 10.04
CA VAL B 32 -10.99 11.08 9.54
C VAL B 32 -11.93 10.46 10.55
N VAL B 33 -13.06 9.95 10.07
CA VAL B 33 -14.04 9.24 10.87
C VAL B 33 -13.99 7.78 10.49
N LEU B 34 -13.65 6.96 11.45
CA LEU B 34 -13.62 5.50 11.28
C LEU B 34 -14.94 4.87 11.74
N VAL B 35 -15.47 3.95 10.93
CA VAL B 35 -16.80 3.39 11.10
C VAL B 35 -16.71 1.85 11.18
N HIS B 36 -16.93 1.31 12.38
CA HIS B 36 -16.71 -0.13 12.62
C HIS B 36 -17.69 -1.05 11.87
N GLY B 37 -17.46 -2.34 12.00
CA GLY B 37 -18.20 -3.40 11.32
C GLY B 37 -19.21 -4.02 12.27
N THR B 38 -19.92 -5.02 11.78
CA THR B 38 -20.88 -5.77 12.59
C THR B 38 -20.17 -6.47 13.75
N PHE B 39 -20.74 -6.36 14.95
CA PHE B 39 -20.16 -6.90 16.19
C PHE B 39 -18.94 -6.15 16.72
N GLY B 40 -18.53 -5.07 16.05
CA GLY B 40 -17.31 -4.36 16.40
C GLY B 40 -17.63 -3.17 17.28
N ASN B 41 -16.62 -2.41 17.62
CA ASN B 41 -16.79 -1.15 18.30
C ASN B 41 -15.73 -0.14 17.85
N SER B 42 -15.79 1.05 18.43
CA SER B 42 -14.95 2.20 18.06
C SER B 42 -13.47 2.06 18.36
N ILE B 43 -13.10 1.10 19.22
CA ILE B 43 -11.72 0.89 19.64
C ILE B 43 -11.11 -0.32 18.92
N ASP B 44 -11.76 -1.47 19.08
CA ASP B 44 -11.17 -2.77 18.77
C ASP B 44 -11.05 -3.04 17.29
N ASN B 45 -11.90 -2.44 16.47
CA ASN B 45 -11.76 -2.54 15.00
C ASN B 45 -10.49 -1.80 14.51
N TRP B 46 -10.03 -0.81 15.26
CA TRP B 46 -9.14 0.22 14.75
C TRP B 46 -7.82 0.34 15.52
N LEU B 47 -7.44 -0.71 16.25
CA LEU B 47 -6.20 -0.68 17.06
C LEU B 47 -4.94 -0.60 16.22
N VAL B 48 -4.99 -1.15 15.01
CA VAL B 48 -3.92 -0.94 14.02
C VAL B 48 -4.19 0.31 13.14
N LEU B 49 -5.37 0.43 12.51
CA LEU B 49 -5.59 1.56 11.58
C LEU B 49 -5.54 2.96 12.20
N ALA B 50 -6.14 3.15 13.37
CA ALA B 50 -6.13 4.49 13.96
C ALA B 50 -4.70 5.03 14.23
N PRO B 51 -3.85 4.29 15.02
CA PRO B 51 -2.47 4.79 15.18
C PRO B 51 -1.68 4.88 13.87
N TYR B 52 -1.94 3.97 12.92
CA TYR B 52 -1.33 4.07 11.59
C TYR B 52 -1.57 5.48 10.99
N LEU B 53 -2.82 5.93 11.03
CA LEU B 53 -3.21 7.26 10.54
C LEU B 53 -2.73 8.40 11.44
N VAL B 54 -2.72 8.18 12.75
CA VAL B 54 -2.16 9.18 13.66
C VAL B 54 -0.68 9.43 13.33
N ASN B 55 0.09 8.38 13.04
CA ASN B 55 1.53 8.55 12.76
C ASN B 55 1.75 9.20 11.42
N ARG B 56 0.80 9.08 10.50
CA ARG B 56 0.81 9.87 9.27
C ARG B 56 0.33 11.33 9.36
N GLY B 57 -0.09 11.81 10.53
CA GLY B 57 -0.47 13.23 10.74
C GLY B 57 -1.97 13.56 10.62
N TYR B 58 -2.85 12.55 10.81
CA TYR B 58 -4.32 12.72 10.74
C TYR B 58 -4.95 12.93 12.12
N CYS B 59 -5.98 13.78 12.16
CA CYS B 59 -6.94 13.83 13.27
C CYS B 59 -7.94 12.72 13.00
N VAL B 60 -7.90 11.66 13.82
CA VAL B 60 -8.78 10.48 13.65
C VAL B 60 -9.88 10.46 14.70
N PHE B 61 -11.08 10.05 14.30
CA PHE B 61 -12.20 9.85 15.24
C PHE B 61 -12.89 8.55 14.91
N SER B 62 -13.43 7.88 15.92
CA SER B 62 -14.19 6.65 15.68
C SER B 62 -15.44 6.65 16.55
N LEU B 63 -16.55 6.22 15.97
CA LEU B 63 -17.84 6.19 16.69
C LEU B 63 -18.27 4.76 17.01
N ASP B 64 -19.11 4.65 18.01
CA ASP B 64 -19.91 3.44 18.24
C ASP B 64 -21.28 3.74 17.65
N TYR B 65 -21.90 2.73 17.04
CA TYR B 65 -23.23 2.86 16.44
C TYR B 65 -23.93 1.52 16.57
N GLY B 66 -25.26 1.56 16.50
CA GLY B 66 -26.10 0.38 16.60
C GLY B 66 -25.95 -0.39 17.90
N GLN B 67 -25.72 0.31 19.00
CA GLN B 67 -25.70 -0.36 20.29
C GLN B 67 -27.10 -0.88 20.61
N LEU B 68 -27.15 -2.03 21.28
CA LEU B 68 -28.38 -2.56 21.84
C LEU B 68 -28.39 -2.31 23.36
N PRO B 69 -29.56 -1.92 23.92
CA PRO B 69 -29.62 -1.83 25.39
C PRO B 69 -29.21 -3.14 26.08
N GLY B 70 -28.28 -3.06 27.03
CA GLY B 70 -27.82 -4.21 27.79
C GLY B 70 -26.82 -5.16 27.13
N VAL B 71 -26.40 -4.86 25.89
CA VAL B 71 -25.46 -5.71 25.14
C VAL B 71 -24.12 -4.96 25.05
N PRO B 72 -23.17 -5.31 25.91
CA PRO B 72 -21.91 -4.58 25.90
C PRO B 72 -20.98 -5.08 24.77
N PHE B 73 -20.01 -4.24 24.41
CA PHE B 73 -18.86 -4.59 23.51
C PHE B 73 -19.19 -4.78 22.02
N PHE B 74 -20.27 -5.50 21.68
CA PHE B 74 -20.58 -5.90 20.31
C PHE B 74 -21.64 -4.99 19.75
N HIS B 75 -21.26 -4.08 18.85
CA HIS B 75 -22.17 -3.07 18.29
C HIS B 75 -22.52 -3.34 16.82
N GLY B 76 -23.16 -2.36 16.14
CA GLY B 76 -23.71 -2.57 14.80
C GLY B 76 -24.84 -3.60 14.74
N LEU B 77 -25.62 -3.69 15.81
CA LEU B 77 -26.73 -4.65 15.92
C LEU B 77 -28.11 -4.01 15.70
N GLY B 78 -28.23 -2.72 16.01
CA GLY B 78 -29.46 -1.97 15.83
C GLY B 78 -29.82 -1.74 14.36
N PRO B 79 -31.02 -1.17 14.10
CA PRO B 79 -31.42 -0.90 12.71
C PRO B 79 -30.45 0.07 12.03
N ILE B 80 -30.19 -0.19 10.75
CA ILE B 80 -29.05 0.43 10.08
C ILE B 80 -29.36 1.87 9.68
N ASP B 81 -30.61 2.17 9.34
CA ASP B 81 -31.04 3.57 9.15
C ASP B 81 -30.84 4.43 10.41
N LYS B 82 -31.04 3.86 11.60
CA LYS B 82 -30.77 4.57 12.87
C LYS B 82 -29.27 4.72 13.11
N SER B 83 -28.53 3.67 12.77
CA SER B 83 -27.08 3.72 12.81
C SER B 83 -26.54 4.90 11.96
N ALA B 84 -27.09 5.07 10.77
CA ALA B 84 -26.72 6.19 9.89
C ALA B 84 -27.05 7.54 10.47
N GLU B 85 -28.11 7.59 11.26
CA GLU B 85 -28.46 8.82 11.98
C GLU B 85 -27.45 9.12 13.08
N GLN B 86 -26.97 8.08 13.75
CA GLN B 86 -25.94 8.26 14.76
C GLN B 86 -24.66 8.79 14.09
N LEU B 87 -24.29 8.25 12.93
CA LEU B 87 -23.17 8.75 12.13
C LEU B 87 -23.36 10.22 11.78
N ASP B 88 -24.58 10.57 11.37
CA ASP B 88 -24.94 11.92 10.98
C ASP B 88 -24.51 12.93 12.07
N VAL B 89 -25.00 12.68 13.27
CA VAL B 89 -24.72 13.50 14.46
C VAL B 89 -23.21 13.57 14.79
N PHE B 90 -22.57 12.41 14.76
CA PHE B 90 -21.16 12.26 15.10
C PHE B 90 -20.28 13.09 14.16
N VAL B 91 -20.57 12.99 12.88
CA VAL B 91 -19.88 13.82 11.88
C VAL B 91 -20.07 15.31 12.19
N ASP B 92 -21.30 15.73 12.51
CA ASP B 92 -21.54 17.16 12.83
C ASP B 92 -20.75 17.59 14.06
N LYS B 93 -20.69 16.74 15.09
CA LYS B 93 -19.88 17.06 16.30
C LYS B 93 -18.39 17.19 15.96
N VAL B 94 -17.87 16.27 15.14
CA VAL B 94 -16.49 16.30 14.69
C VAL B 94 -16.19 17.55 13.83
N LEU B 95 -17.06 17.91 12.89
CA LEU B 95 -16.83 19.14 12.11
C LEU B 95 -16.92 20.41 12.98
N ASP B 96 -17.82 20.42 13.97
CA ASP B 96 -17.91 21.55 14.88
C ASP B 96 -16.67 21.75 15.76
N ALA B 97 -16.22 20.69 16.41
CA ALA B 97 -14.99 20.71 17.26
C ALA B 97 -13.74 21.14 16.47
N THR B 98 -13.66 20.60 15.26
CA THR B 98 -12.49 20.63 14.44
C THR B 98 -12.45 21.88 13.52
N GLY B 99 -13.63 22.45 13.21
CA GLY B 99 -13.74 23.61 12.32
C GLY B 99 -13.68 23.30 10.85
N ALA B 100 -13.52 22.03 10.47
CA ALA B 100 -13.32 21.65 9.08
C ALA B 100 -14.69 21.62 8.39
N PRO B 101 -14.73 21.93 7.08
CA PRO B 101 -15.99 21.87 6.36
C PRO B 101 -16.42 20.44 5.99
N LYS B 102 -15.46 19.53 5.79
CA LYS B 102 -15.76 18.12 5.45
C LYS B 102 -14.90 17.15 6.21
N ALA B 103 -15.38 15.90 6.28
CA ALA B 103 -14.65 14.79 6.86
C ALA B 103 -14.38 13.74 5.79
N ASP B 104 -13.42 12.86 6.04
CA ASP B 104 -13.23 11.64 5.27
C ASP B 104 -13.68 10.48 6.13
N LEU B 105 -14.29 9.49 5.49
CA LEU B 105 -14.89 8.38 6.20
C LEU B 105 -14.25 7.11 5.70
N VAL B 106 -13.82 6.27 6.65
CA VAL B 106 -13.30 4.93 6.36
C VAL B 106 -14.13 3.94 7.19
N GLY B 107 -14.62 2.89 6.54
CA GLY B 107 -15.45 1.92 7.25
C GLY B 107 -15.20 0.51 6.79
N HIS B 108 -15.37 -0.42 7.71
CA HIS B 108 -15.14 -1.84 7.47
C HIS B 108 -16.49 -2.53 7.41
N SER B 109 -16.73 -3.29 6.34
CA SER B 109 -17.88 -4.20 6.29
C SER B 109 -19.19 -3.39 6.37
N GLN B 110 -20.08 -3.70 7.32
CA GLN B 110 -21.28 -2.88 7.49
C GLN B 110 -20.94 -1.38 7.51
N GLY B 111 -19.84 -1.04 8.19
CA GLY B 111 -19.40 0.33 8.33
C GLY B 111 -18.95 1.02 7.05
N GLY B 112 -18.59 0.25 6.04
CA GLY B 112 -18.27 0.83 4.74
C GLY B 112 -19.47 0.97 3.83
N MET B 113 -20.57 0.29 4.17
CA MET B 113 -21.83 0.38 3.46
C MET B 113 -22.76 1.40 4.07
N MET B 114 -22.96 1.31 5.38
CA MET B 114 -23.90 2.18 6.06
C MET B 114 -23.72 3.71 5.81
N PRO B 115 -22.48 4.21 5.64
CA PRO B 115 -22.38 5.65 5.39
C PRO B 115 -23.02 6.09 4.09
N ASN B 116 -23.19 5.18 3.14
CA ASN B 116 -23.90 5.49 1.92
C ASN B 116 -25.34 5.97 2.19
N TYR B 117 -25.97 5.42 3.23
CA TYR B 117 -27.32 5.83 3.63
C TYR B 117 -27.30 7.27 4.11
N TYR B 118 -26.30 7.58 4.94
CA TYR B 118 -26.07 8.95 5.41
C TYR B 118 -25.79 9.90 4.25
N LEU B 119 -25.00 9.46 3.27
CA LEU B 119 -24.68 10.34 2.15
C LEU B 119 -25.96 10.71 1.38
N LYS B 120 -26.78 9.71 1.08
CA LYS B 120 -27.96 9.86 0.24
C LYS B 120 -29.17 10.51 0.92
N PHE B 121 -29.43 10.17 2.19
CA PHE B 121 -30.71 10.48 2.85
C PHE B 121 -30.61 11.43 4.05
N LEU B 122 -29.42 11.87 4.44
CA LEU B 122 -29.26 12.60 5.71
C LEU B 122 -28.33 13.80 5.62
N GLY B 123 -28.09 14.29 4.40
CA GLY B 123 -27.26 15.47 4.17
C GLY B 123 -25.76 15.17 4.13
N GLY B 124 -25.38 13.89 4.08
CA GLY B 124 -23.97 13.51 4.14
C GLY B 124 -23.14 13.95 2.97
N ALA B 125 -23.75 14.16 1.80
CA ALA B 125 -23.00 14.48 0.57
C ALA B 125 -22.25 15.81 0.63
N ASP B 126 -22.82 16.80 1.31
CA ASP B 126 -22.15 18.09 1.53
C ASP B 126 -21.09 18.08 2.67
N LYS B 127 -21.04 17.00 3.45
CA LYS B 127 -20.17 16.89 4.62
C LYS B 127 -18.98 15.96 4.47
N VAL B 128 -18.93 15.19 3.38
CA VAL B 128 -17.97 14.11 3.21
C VAL B 128 -17.20 14.29 1.89
N ASN B 129 -15.90 14.49 2.02
CA ASN B 129 -15.04 14.56 0.83
C ASN B 129 -14.83 13.17 0.21
N ALA B 130 -14.54 12.18 1.06
CA ALA B 130 -14.27 10.82 0.60
C ALA B 130 -14.81 9.77 1.54
N LEU B 131 -15.21 8.65 0.94
CA LEU B 131 -15.66 7.45 1.64
C LEU B 131 -14.84 6.26 1.15
N VAL B 132 -14.09 5.67 2.08
CA VAL B 132 -13.32 4.45 1.84
C VAL B 132 -14.02 3.28 2.53
N GLY B 133 -14.36 2.26 1.74
CA GLY B 133 -15.05 1.07 2.24
C GLY B 133 -14.05 -0.06 2.15
N ILE B 134 -13.74 -0.66 3.29
CA ILE B 134 -12.90 -1.87 3.32
C ILE B 134 -13.87 -3.05 3.47
N ALA B 135 -13.90 -3.92 2.48
CA ALA B 135 -14.86 -5.00 2.40
C ALA B 135 -16.33 -4.57 2.70
N PRO B 136 -16.81 -3.47 2.07
CA PRO B 136 -18.18 -3.00 2.31
C PRO B 136 -19.22 -3.86 1.63
N ASP B 137 -20.28 -4.22 2.33
CA ASP B 137 -21.39 -4.96 1.70
C ASP B 137 -22.38 -4.00 1.02
N ASN B 138 -21.88 -3.29 0.02
CA ASN B 138 -22.62 -2.18 -0.61
C ASN B 138 -23.92 -2.58 -1.32
N HIS B 139 -24.02 -3.84 -1.72
CA HIS B 139 -25.29 -4.41 -2.26
C HIS B 139 -25.83 -5.58 -1.43
N GLY B 140 -25.54 -5.58 -0.14
CA GLY B 140 -26.01 -6.61 0.75
C GLY B 140 -25.24 -7.93 0.71
N THR B 141 -25.69 -8.85 1.56
CA THR B 141 -25.10 -10.17 1.68
C THR B 141 -26.25 -11.09 2.10
N THR B 142 -25.95 -12.18 2.83
CA THR B 142 -26.94 -13.12 3.41
C THR B 142 -26.65 -13.37 4.88
N LEU B 143 -27.65 -13.88 5.60
CA LEU B 143 -27.43 -14.27 6.99
C LEU B 143 -26.35 -15.33 7.10
N LEU B 144 -26.35 -16.27 6.14
CA LEU B 144 -25.32 -17.31 6.07
C LEU B 144 -23.91 -16.70 6.01
N GLY B 145 -23.71 -15.74 5.11
CA GLY B 145 -22.49 -14.94 5.08
C GLY B 145 -22.08 -14.41 6.46
N LEU B 146 -23.02 -13.76 7.14
CA LEU B 146 -22.77 -13.11 8.44
C LEU B 146 -22.45 -14.08 9.57
N THR B 147 -22.92 -15.31 9.43
CA THR B 147 -22.54 -16.43 10.29
C THR B 147 -21.00 -16.58 10.37
N LYS B 148 -20.29 -16.25 9.28
CA LYS B 148 -18.87 -16.51 9.19
C LYS B 148 -18.06 -15.49 9.98
N LEU B 149 -18.73 -14.46 10.51
CA LEU B 149 -18.13 -13.52 11.48
C LEU B 149 -18.01 -14.07 12.88
N LEU B 150 -18.84 -15.06 13.21
CA LEU B 150 -19.04 -15.48 14.60
C LEU B 150 -17.81 -16.06 15.28
N PRO B 151 -17.00 -16.86 14.55
CA PRO B 151 -15.76 -17.36 15.16
C PRO B 151 -14.82 -16.25 15.64
N PHE B 152 -14.91 -15.04 15.07
CA PHE B 152 -14.12 -13.89 15.53
C PHE B 152 -14.71 -13.19 16.76
N PHE B 153 -16.02 -13.35 17.00
CA PHE B 153 -16.70 -12.69 18.09
C PHE B 153 -17.47 -13.68 18.98
N PRO B 154 -16.76 -14.66 19.58
CA PRO B 154 -17.43 -15.58 20.50
C PRO B 154 -18.04 -14.83 21.70
N GLY B 155 -19.23 -15.25 22.09
CA GLY B 155 -19.93 -14.61 23.18
C GLY B 155 -20.96 -13.61 22.69
N VAL B 156 -20.98 -13.32 21.39
CA VAL B 156 -22.05 -12.46 20.83
C VAL B 156 -23.29 -13.29 20.51
N GLU B 157 -23.12 -14.60 20.32
CA GLU B 157 -24.21 -15.51 19.91
C GLU B 157 -25.44 -15.46 20.81
N LYS B 158 -25.21 -15.33 22.12
CA LYS B 158 -26.29 -15.34 23.10
C LYS B 158 -27.12 -14.06 23.13
N PHE B 159 -26.70 -13.01 22.41
CA PHE B 159 -27.38 -11.71 22.41
C PHE B 159 -28.22 -11.46 21.14
N ILE B 160 -28.13 -12.33 20.15
CA ILE B 160 -28.62 -12.04 18.79
C ILE B 160 -29.49 -13.16 18.25
N SER B 161 -30.24 -12.86 17.20
CA SER B 161 -31.00 -13.88 16.51
C SER B 161 -31.00 -13.49 15.05
N ASP B 162 -31.58 -14.34 14.22
CA ASP B 162 -31.80 -14.00 12.82
C ASP B 162 -32.75 -12.80 12.60
N ASN B 163 -33.41 -12.30 13.65
CA ASN B 163 -34.21 -11.05 13.57
C ASN B 163 -33.50 -9.77 14.04
N THR B 164 -32.27 -9.89 14.57
CA THR B 164 -31.49 -8.75 15.03
C THR B 164 -31.41 -7.84 13.81
N PRO B 165 -31.94 -6.61 13.90
CA PRO B 165 -32.09 -5.69 12.74
C PRO B 165 -30.76 -5.35 11.98
N GLY B 166 -29.69 -5.12 12.72
CA GLY B 166 -28.34 -4.99 12.15
C GLY B 166 -27.90 -6.11 11.24
N LEU B 167 -28.34 -7.33 11.53
CA LEU B 167 -28.07 -8.47 10.65
C LEU B 167 -29.06 -8.49 9.49
N ALA B 168 -30.34 -8.52 9.84
CA ALA B 168 -31.44 -8.57 8.87
C ALA B 168 -31.44 -7.43 7.86
N ASP B 169 -31.13 -6.19 8.27
CA ASP B 169 -31.08 -5.03 7.31
C ASP B 169 -29.96 -5.15 6.26
N GLN B 170 -28.97 -6.01 6.51
CA GLN B 170 -27.82 -6.20 5.59
C GLN B 170 -28.09 -7.23 4.49
N VAL B 171 -29.17 -8.00 4.62
CA VAL B 171 -29.52 -9.06 3.64
C VAL B 171 -29.97 -8.43 2.31
N ALA B 172 -29.38 -8.91 1.20
CA ALA B 172 -29.79 -8.47 -0.16
C ALA B 172 -31.28 -8.67 -0.43
N GLY B 173 -31.93 -7.61 -0.91
CA GLY B 173 -33.38 -7.59 -1.09
C GLY B 173 -34.19 -7.44 0.19
N SER B 174 -33.58 -6.89 1.26
CA SER B 174 -34.34 -6.47 2.43
C SER B 174 -34.88 -5.05 2.16
N PRO B 175 -35.82 -4.57 3.00
CA PRO B 175 -36.27 -3.16 2.85
C PRO B 175 -35.13 -2.13 2.94
N PHE B 176 -34.15 -2.38 3.83
CA PHE B 176 -33.04 -1.46 4.01
C PHE B 176 -32.16 -1.40 2.75
N ILE B 177 -31.72 -2.55 2.25
CA ILE B 177 -30.83 -2.60 1.07
C ILE B 177 -31.56 -2.18 -0.21
N THR B 178 -32.84 -2.54 -0.32
CA THR B 178 -33.64 -2.16 -1.49
C THR B 178 -33.71 -0.64 -1.61
N LYS B 179 -34.04 0.01 -0.51
CA LYS B 179 -34.08 1.49 -0.43
C LYS B 179 -32.73 2.21 -0.66
N LEU B 180 -31.67 1.68 -0.04
CA LEU B 180 -30.33 2.23 -0.14
C LEU B 180 -29.83 2.25 -1.59
N THR B 181 -30.02 1.14 -2.30
CA THR B 181 -29.51 0.97 -3.66
C THR B 181 -30.54 1.23 -4.78
N ALA B 182 -31.71 1.82 -4.48
CA ALA B 182 -32.77 2.06 -5.50
C ALA B 182 -32.22 2.87 -6.66
N GLY B 183 -31.69 4.05 -6.35
CA GLY B 183 -31.03 4.92 -7.31
C GLY B 183 -29.60 4.49 -7.61
N GLY B 184 -28.78 5.46 -8.00
CA GLY B 184 -27.36 5.21 -8.27
C GLY B 184 -26.62 4.72 -7.02
N ASP B 185 -25.47 4.08 -7.22
CA ASP B 185 -24.59 3.69 -6.12
C ASP B 185 -23.98 4.91 -5.43
N THR B 186 -23.84 6.01 -6.16
CA THR B 186 -23.06 7.18 -5.73
C THR B 186 -23.81 8.48 -5.87
N VAL B 187 -23.35 9.47 -5.12
CA VAL B 187 -23.88 10.81 -5.00
C VAL B 187 -22.81 11.73 -5.59
N PRO B 188 -23.19 12.90 -6.15
CA PRO B 188 -22.14 13.81 -6.70
C PRO B 188 -21.17 14.36 -5.68
N GLY B 189 -19.92 14.58 -6.09
CA GLY B 189 -18.90 15.25 -5.25
C GLY B 189 -17.98 14.32 -4.48
N VAL B 190 -18.55 13.30 -3.85
CA VAL B 190 -17.83 12.39 -2.98
C VAL B 190 -16.88 11.52 -3.80
N ARG B 191 -15.59 11.43 -3.41
CA ARG B 191 -14.69 10.39 -4.00
C ARG B 191 -14.71 9.08 -3.18
N TYR B 192 -15.08 8.01 -3.88
CA TYR B 192 -15.27 6.73 -3.32
C TYR B 192 -14.09 5.83 -3.65
N THR B 193 -13.66 5.05 -2.66
CA THR B 193 -12.67 4.00 -2.84
C THR B 193 -13.25 2.76 -2.15
N VAL B 194 -13.17 1.61 -2.81
CA VAL B 194 -13.57 0.33 -2.25
C VAL B 194 -12.41 -0.65 -2.33
N ILE B 195 -11.99 -1.19 -1.20
CA ILE B 195 -10.93 -2.18 -1.17
C ILE B 195 -11.52 -3.55 -0.80
N ALA B 196 -11.43 -4.51 -1.71
CA ALA B 196 -11.96 -5.86 -1.48
C ALA B 196 -10.91 -6.95 -1.63
N THR B 197 -11.19 -8.10 -0.98
CA THR B 197 -10.37 -9.32 -1.08
C THR B 197 -11.14 -10.43 -1.77
N LYS B 198 -10.50 -11.07 -2.75
CA LYS B 198 -11.11 -12.20 -3.45
C LYS B 198 -11.33 -13.42 -2.54
N TYR B 199 -10.70 -13.46 -1.37
CA TYR B 199 -10.95 -14.52 -0.37
C TYR B 199 -12.05 -14.18 0.62
N ASP B 200 -12.91 -13.22 0.29
CA ASP B 200 -13.97 -12.84 1.20
C ASP B 200 -14.93 -14.01 1.29
N GLN B 201 -15.28 -14.37 2.53
CA GLN B 201 -16.18 -15.50 2.83
C GLN B 201 -17.55 -15.04 3.42
N VAL B 202 -17.63 -13.77 3.79
CA VAL B 202 -18.83 -13.13 4.38
C VAL B 202 -19.72 -12.44 3.34
N VAL B 203 -19.13 -11.89 2.29
CA VAL B 203 -19.87 -11.04 1.32
C VAL B 203 -19.48 -11.46 -0.08
N THR B 204 -20.26 -12.39 -0.64
CA THR B 204 -19.95 -13.02 -1.93
C THR B 204 -21.15 -12.97 -2.88
N PRO B 205 -20.92 -12.86 -4.19
CA PRO B 205 -19.56 -12.71 -4.78
C PRO B 205 -18.97 -11.36 -4.41
N TYR B 206 -17.65 -11.34 -4.21
CA TYR B 206 -16.95 -10.18 -3.68
C TYR B 206 -17.10 -8.91 -4.55
N ARG B 207 -17.31 -9.08 -5.85
CA ARG B 207 -17.54 -7.93 -6.75
C ARG B 207 -18.80 -7.08 -6.43
N THR B 208 -19.78 -7.64 -5.71
CA THR B 208 -20.97 -6.88 -5.27
C THR B 208 -20.59 -5.74 -4.32
N GLN B 209 -19.42 -5.86 -3.69
CA GLN B 209 -18.86 -4.83 -2.81
C GLN B 209 -18.51 -3.53 -3.56
N TYR B 210 -18.19 -3.65 -4.85
CA TYR B 210 -17.79 -2.50 -5.66
C TYR B 210 -18.94 -1.56 -5.92
N LEU B 211 -18.60 -0.32 -6.23
CA LEU B 211 -19.56 0.74 -6.56
C LEU B 211 -19.39 1.15 -8.03
N ASP B 212 -20.51 1.29 -8.73
CA ASP B 212 -20.57 1.80 -10.10
C ASP B 212 -20.98 3.29 -10.03
N GLY B 213 -20.06 4.16 -10.42
CA GLY B 213 -20.23 5.61 -10.40
C GLY B 213 -18.99 6.28 -10.99
N PRO B 214 -19.06 7.57 -11.33
CA PRO B 214 -17.93 8.23 -12.00
C PRO B 214 -16.70 8.59 -11.15
N ASN B 215 -16.83 8.70 -9.82
CA ASN B 215 -15.67 8.95 -8.90
C ASN B 215 -15.40 7.75 -8.00
N VAL B 216 -15.30 6.58 -8.60
CA VAL B 216 -15.05 5.36 -7.85
C VAL B 216 -13.70 4.76 -8.29
N ARG B 217 -12.86 4.43 -7.30
CA ARG B 217 -11.75 3.53 -7.50
C ARG B 217 -12.04 2.22 -6.78
N ASN B 218 -12.27 1.16 -7.55
CA ASN B 218 -12.40 -0.18 -7.00
C ASN B 218 -11.09 -0.91 -7.11
N VAL B 219 -10.62 -1.42 -5.97
CA VAL B 219 -9.28 -1.98 -5.83
C VAL B 219 -9.41 -3.42 -5.32
N LEU B 220 -8.71 -4.33 -5.99
CA LEU B 220 -8.59 -5.70 -5.54
C LEU B 220 -7.32 -5.81 -4.69
N LEU B 221 -7.45 -6.33 -3.48
CA LEU B 221 -6.34 -6.45 -2.56
C LEU B 221 -5.21 -7.28 -3.15
N GLN B 222 -5.55 -8.35 -3.85
CA GLN B 222 -4.53 -9.24 -4.45
C GLN B 222 -3.77 -8.62 -5.63
N ASP B 223 -4.35 -7.62 -6.30
CA ASP B 223 -3.61 -6.78 -7.26
C ASP B 223 -2.47 -5.96 -6.59
N LEU B 224 -2.63 -5.63 -5.31
CA LEU B 224 -1.59 -4.91 -4.55
C LEU B 224 -0.49 -5.88 -4.08
N CYS B 225 -0.91 -7.00 -3.46
CA CYS B 225 -0.02 -8.07 -3.00
C CYS B 225 -0.69 -9.42 -3.28
N PRO B 226 -0.22 -10.17 -4.31
CA PRO B 226 -0.90 -11.47 -4.65
C PRO B 226 -0.85 -12.56 -3.59
N VAL B 227 0.03 -12.42 -2.60
CA VAL B 227 0.16 -13.39 -1.51
C VAL B 227 -0.44 -12.88 -0.20
N ASP B 228 -1.03 -11.68 -0.21
CA ASP B 228 -1.98 -11.29 0.85
C ASP B 228 -3.32 -12.03 0.67
N LEU B 229 -3.58 -12.97 1.56
CA LEU B 229 -4.75 -13.83 1.44
C LEU B 229 -5.83 -13.46 2.48
N SER B 230 -5.80 -12.23 3.00
CA SER B 230 -6.76 -11.80 4.03
C SER B 230 -8.17 -12.07 3.62
N GLU B 231 -8.94 -12.56 4.58
CA GLU B 231 -10.37 -12.76 4.37
C GLU B 231 -11.10 -11.50 4.93
N HIS B 232 -12.41 -11.58 5.12
CA HIS B 232 -13.25 -10.40 5.44
C HIS B 232 -12.90 -9.60 6.70
N VAL B 233 -12.61 -10.30 7.77
CA VAL B 233 -12.31 -9.64 9.05
C VAL B 233 -10.90 -9.05 9.07
N ALA B 234 -9.93 -9.86 8.67
CA ALA B 234 -8.53 -9.45 8.67
C ALA B 234 -8.26 -8.20 7.84
N ILE B 235 -8.89 -8.11 6.67
CA ILE B 235 -8.68 -6.97 5.76
C ILE B 235 -8.94 -5.61 6.39
N GLY B 236 -9.95 -5.55 7.27
CA GLY B 236 -10.34 -4.31 7.92
C GLY B 236 -9.85 -4.10 9.33
N THR B 237 -9.09 -5.06 9.89
CA THR B 237 -8.60 -4.95 11.29
C THR B 237 -7.08 -4.92 11.41
N ILE B 238 -6.38 -5.80 10.66
CA ILE B 238 -4.92 -6.01 10.77
C ILE B 238 -4.10 -5.91 9.47
N ASP B 239 -4.74 -5.71 8.33
CA ASP B 239 -4.05 -5.77 7.07
C ASP B 239 -3.43 -4.41 6.73
N ARG B 240 -2.13 -4.31 6.94
CA ARG B 240 -1.39 -3.06 6.72
C ARG B 240 -1.25 -2.70 5.24
N ILE B 241 -1.48 -3.68 4.37
CA ILE B 241 -1.48 -3.47 2.93
C ILE B 241 -2.76 -2.70 2.58
N ALA B 242 -3.88 -3.21 3.07
CA ALA B 242 -5.17 -2.54 2.91
C ALA B 242 -5.08 -1.16 3.47
N PHE B 243 -4.45 -1.01 4.64
CA PHE B 243 -4.38 0.30 5.30
C PHE B 243 -3.44 1.31 4.60
N HIS B 244 -2.45 0.81 3.89
CA HIS B 244 -1.60 1.65 3.09
C HIS B 244 -2.45 2.26 2.01
N GLU B 245 -3.30 1.43 1.41
CA GLU B 245 -4.24 1.85 0.38
C GLU B 245 -5.28 2.83 0.90
N VAL B 246 -5.72 2.65 2.15
CA VAL B 246 -6.57 3.64 2.81
C VAL B 246 -5.84 4.97 2.88
N ALA B 247 -4.57 4.96 3.30
CA ALA B 247 -3.78 6.22 3.36
C ALA B 247 -3.58 6.85 1.99
N ASN B 248 -3.44 6.05 0.95
CA ASN B 248 -3.38 6.57 -0.42
C ASN B 248 -4.68 7.36 -0.74
N ALA B 249 -5.83 6.79 -0.38
CA ALA B 249 -7.12 7.43 -0.63
C ALA B 249 -7.31 8.72 0.19
N LEU B 250 -6.73 8.78 1.38
CA LEU B 250 -6.89 9.98 2.22
C LEU B 250 -5.95 11.14 1.84
N ASP B 251 -4.90 10.85 1.05
CA ASP B 251 -4.03 11.92 0.48
C ASP B 251 -3.56 11.54 -0.92
N PRO B 252 -4.45 11.63 -1.93
CA PRO B 252 -4.17 11.10 -3.28
C PRO B 252 -2.89 11.60 -3.97
N ALA B 253 -2.49 12.84 -3.69
CA ALA B 253 -1.33 13.47 -4.34
C ALA B 253 0.03 12.96 -3.81
N ARG B 254 0.02 12.38 -2.61
CA ARG B 254 1.19 11.81 -1.93
C ARG B 254 1.12 10.28 -2.00
N ALA B 255 0.09 9.71 -2.62
CA ALA B 255 -0.04 8.25 -2.68
C ALA B 255 1.13 7.64 -3.40
N THR B 256 1.52 6.45 -2.99
CA THR B 256 2.53 5.63 -3.69
C THR B 256 1.97 4.22 -3.88
N PRO B 257 2.34 3.54 -4.98
CA PRO B 257 1.68 2.22 -5.14
C PRO B 257 1.84 1.26 -3.93
N THR B 258 0.78 0.57 -3.57
CA THR B 258 0.80 -0.35 -2.45
C THR B 258 1.33 -1.70 -2.94
N THR B 259 2.30 -2.24 -2.22
CA THR B 259 2.86 -3.57 -2.48
C THR B 259 2.91 -4.42 -1.20
N CYS B 260 3.28 -5.69 -1.38
CA CYS B 260 3.60 -6.59 -0.26
C CYS B 260 4.54 -5.97 0.79
N ALA B 261 5.42 -5.06 0.38
CA ALA B 261 6.28 -4.33 1.31
C ALA B 261 5.55 -3.63 2.46
N SER B 262 4.28 -3.27 2.30
CA SER B 262 3.57 -2.54 3.37
C SER B 262 3.24 -3.40 4.61
N VAL B 263 3.35 -4.74 4.55
CA VAL B 263 3.16 -5.62 5.75
C VAL B 263 4.20 -5.26 6.85
N ILE B 264 5.40 -4.90 6.40
CA ILE B 264 6.56 -4.59 7.27
C ILE B 264 6.51 -3.15 7.81
N GLY B 265 6.67 -3.01 9.12
CA GLY B 265 6.67 -1.70 9.82
C GLY B 265 8.04 -1.03 9.90
N HIS B 266 8.06 0.21 10.44
CA HIS B 266 9.28 1.06 10.55
C HIS B 266 9.27 1.86 11.87
N THR C 13 10.90 -3.01 38.09
CA THR C 13 10.58 -3.03 36.60
C THR C 13 10.62 -4.49 36.06
N SER C 14 9.46 -5.05 35.71
CA SER C 14 9.35 -6.50 35.34
C SER C 14 8.69 -6.78 33.98
N ARG C 15 8.72 -5.79 33.11
CA ARG C 15 8.29 -5.94 31.73
C ARG C 15 9.04 -4.91 30.88
N GLY C 16 9.32 -5.25 29.63
CA GLY C 16 10.05 -4.35 28.77
C GLY C 16 10.50 -4.96 27.46
N TRP C 17 11.02 -4.09 26.61
CA TRP C 17 11.55 -4.48 25.33
C TRP C 17 12.94 -3.84 25.22
N ASN C 18 13.97 -4.70 25.26
CA ASN C 18 15.38 -4.25 25.24
C ASN C 18 15.74 -3.28 26.37
N ASP C 19 15.17 -3.57 27.53
CA ASP C 19 15.42 -2.85 28.77
C ASP C 19 16.25 -3.79 29.64
N TYR C 20 17.51 -3.43 29.80
CA TYR C 20 18.49 -4.30 30.47
C TYR C 20 18.39 -4.25 32.01
N SER C 21 17.57 -3.35 32.55
CA SER C 21 17.19 -3.36 33.98
C SER C 21 15.93 -4.22 34.26
N CYS C 22 15.38 -4.88 33.25
CA CYS C 22 14.17 -5.69 33.44
C CYS C 22 14.46 -6.95 34.26
N LYS C 23 13.67 -7.16 35.32
CA LYS C 23 13.80 -8.30 36.20
C LYS C 23 12.58 -9.21 36.05
N PRO C 24 12.75 -10.40 35.43
CA PRO C 24 11.63 -11.34 35.26
C PRO C 24 10.93 -11.63 36.57
N SER C 25 9.60 -11.61 36.51
CA SER C 25 8.73 -11.81 37.67
C SER C 25 8.63 -13.31 37.97
N ALA C 26 8.07 -13.64 39.12
CA ALA C 26 7.79 -15.06 39.45
C ALA C 26 6.81 -15.69 38.47
N ALA C 27 5.88 -14.89 37.94
CA ALA C 27 4.90 -15.38 36.96
C ALA C 27 5.54 -15.78 35.61
N HIS C 28 6.57 -15.03 35.18
CA HIS C 28 7.31 -15.30 33.92
C HIS C 28 8.82 -15.16 34.19
N PRO C 29 9.42 -16.22 34.77
CA PRO C 29 10.80 -16.12 35.30
C PRO C 29 11.93 -16.05 34.24
N ARG C 30 11.62 -16.39 32.98
CA ARG C 30 12.62 -16.40 31.90
C ARG C 30 12.45 -15.21 30.96
N PRO C 31 13.57 -14.51 30.63
CA PRO C 31 13.49 -13.52 29.57
C PRO C 31 13.24 -14.20 28.23
N VAL C 32 12.64 -13.44 27.32
CA VAL C 32 12.31 -13.89 25.98
C VAL C 32 13.30 -13.22 25.06
N VAL C 33 13.93 -14.03 24.20
CA VAL C 33 14.84 -13.53 23.18
C VAL C 33 14.17 -13.76 21.85
N LEU C 34 13.91 -12.66 21.15
CA LEU C 34 13.27 -12.68 19.83
C LEU C 34 14.32 -12.63 18.71
N VAL C 35 14.15 -13.48 17.72
CA VAL C 35 15.16 -13.70 16.72
C VAL C 35 14.59 -13.54 15.31
N HIS C 36 14.97 -12.45 14.68
CA HIS C 36 14.44 -12.10 13.36
C HIS C 36 14.80 -13.07 12.23
N GLY C 37 14.16 -12.87 11.10
CA GLY C 37 14.36 -13.66 9.90
C GLY C 37 15.24 -12.99 8.86
N THR C 38 15.26 -13.57 7.68
CA THR C 38 16.12 -13.13 6.60
C THR C 38 15.62 -11.75 6.14
N PHE C 39 16.57 -10.82 5.97
CA PHE C 39 16.33 -9.43 5.60
C PHE C 39 15.76 -8.55 6.71
N GLY C 40 15.49 -9.13 7.89
CA GLY C 40 14.76 -8.42 8.94
C GLY C 40 15.70 -7.75 9.89
N ASN C 41 15.13 -7.23 10.97
CA ASN C 41 15.91 -6.68 12.08
C ASN C 41 15.20 -6.83 13.43
N SER C 42 15.88 -6.39 14.50
CA SER C 42 15.45 -6.52 15.88
C SER C 42 14.19 -5.72 16.29
N ILE C 43 13.82 -4.74 15.48
CA ILE C 43 12.69 -3.84 15.74
C ILE C 43 11.47 -4.24 14.88
N ASP C 44 11.64 -4.19 13.56
CA ASP C 44 10.55 -4.23 12.61
C ASP C 44 9.84 -5.58 12.52
N ASN C 45 10.56 -6.66 12.75
CA ASN C 45 9.94 -8.00 12.75
C ASN C 45 8.98 -8.12 13.97
N TRP C 46 9.20 -7.33 15.01
CA TRP C 46 8.61 -7.57 16.31
C TRP C 46 7.70 -6.43 16.83
N LEU C 47 7.28 -5.51 15.96
CA LEU C 47 6.44 -4.38 16.38
C LEU C 47 5.08 -4.83 16.91
N VAL C 48 4.62 -6.01 16.52
CA VAL C 48 3.39 -6.53 17.11
C VAL C 48 3.73 -7.52 18.24
N LEU C 49 4.56 -8.54 17.98
CA LEU C 49 4.86 -9.54 19.04
C LEU C 49 5.56 -8.99 20.28
N ALA C 50 6.55 -8.11 20.14
CA ALA C 50 7.23 -7.63 21.35
C ALA C 50 6.26 -6.91 22.31
N PRO C 51 5.50 -5.89 21.84
CA PRO C 51 4.54 -5.24 22.77
C PRO C 51 3.42 -6.14 23.29
N TYR C 52 3.00 -7.12 22.48
CA TYR C 52 2.05 -8.15 22.93
C TYR C 52 2.57 -9.00 24.11
N LEU C 53 3.88 -9.31 24.11
CA LEU C 53 4.51 -10.06 25.23
C LEU C 53 4.80 -9.14 26.43
N VAL C 54 5.18 -7.89 26.17
CA VAL C 54 5.31 -6.86 27.23
C VAL C 54 3.98 -6.69 28.02
N ASN C 55 2.85 -6.69 27.31
CA ASN C 55 1.52 -6.54 27.93
C ASN C 55 1.12 -7.73 28.79
N ARG C 56 1.56 -8.94 28.41
CA ARG C 56 1.38 -10.15 29.24
C ARG C 56 2.44 -10.31 30.36
N GLY C 57 3.30 -9.30 30.57
CA GLY C 57 4.24 -9.28 31.70
C GLY C 57 5.57 -10.00 31.51
N TYR C 58 6.17 -9.90 30.32
CA TYR C 58 7.49 -10.54 30.03
C TYR C 58 8.59 -9.50 29.90
N CYS C 59 9.78 -9.89 30.33
CA CYS C 59 11.02 -9.20 29.96
C CYS C 59 11.40 -9.70 28.55
N VAL C 60 11.34 -8.81 27.57
CA VAL C 60 11.56 -9.15 26.18
C VAL C 60 12.84 -8.48 25.69
N PHE C 61 13.60 -9.27 24.90
CA PHE C 61 14.85 -8.83 24.26
C PHE C 61 14.87 -9.31 22.82
N SER C 62 15.37 -8.48 21.92
CA SER C 62 15.51 -8.86 20.53
C SER C 62 16.91 -8.44 20.02
N LEU C 63 17.55 -9.34 19.26
CA LEU C 63 18.89 -9.06 18.68
C LEU C 63 18.87 -8.78 17.21
N ASP C 64 19.91 -8.10 16.75
CA ASP C 64 20.29 -8.09 15.33
C ASP C 64 21.43 -9.10 15.09
N TYR C 65 21.42 -9.77 13.95
CA TYR C 65 22.42 -10.77 13.59
C TYR C 65 22.59 -10.85 12.09
N GLY C 66 23.75 -11.37 11.68
CA GLY C 66 24.02 -11.53 10.26
C GLY C 66 24.05 -10.24 9.48
N GLN C 67 24.48 -9.16 10.10
CA GLN C 67 24.67 -7.88 9.41
C GLN C 67 25.85 -7.98 8.43
N LEU C 68 25.70 -7.44 7.22
CA LEU C 68 26.82 -7.26 6.28
C LEU C 68 27.32 -5.83 6.46
N PRO C 69 28.66 -5.63 6.40
CA PRO C 69 29.17 -4.24 6.54
C PRO C 69 28.77 -3.36 5.34
N GLY C 70 28.38 -2.11 5.63
CA GLY C 70 27.80 -1.20 4.64
C GLY C 70 26.41 -1.55 4.09
N VAL C 71 25.65 -2.38 4.81
CA VAL C 71 24.26 -2.71 4.47
C VAL C 71 23.41 -2.47 5.72
N PRO C 72 22.68 -1.32 5.77
CA PRO C 72 21.80 -1.05 6.92
C PRO C 72 20.44 -1.78 6.78
N PHE C 73 19.67 -1.88 7.88
CA PHE C 73 18.26 -2.36 7.90
C PHE C 73 18.03 -3.85 7.63
N PHE C 74 18.68 -4.39 6.60
CA PHE C 74 18.49 -5.78 6.16
C PHE C 74 19.59 -6.67 6.72
N HIS C 75 19.28 -7.33 7.83
CA HIS C 75 20.18 -8.25 8.47
C HIS C 75 19.80 -9.72 8.10
N GLY C 76 20.38 -10.71 8.79
CA GLY C 76 20.20 -12.13 8.41
C GLY C 76 20.89 -12.57 7.13
N LEU C 77 21.91 -11.81 6.72
CA LEU C 77 22.60 -12.04 5.44
C LEU C 77 23.95 -12.72 5.55
N GLY C 78 24.62 -12.58 6.70
CA GLY C 78 25.93 -13.17 6.93
C GLY C 78 25.84 -14.67 7.05
N PRO C 79 27.01 -15.35 7.09
CA PRO C 79 26.99 -16.82 7.27
C PRO C 79 26.29 -17.19 8.58
N ILE C 80 25.51 -18.27 8.58
CA ILE C 80 24.58 -18.56 9.67
C ILE C 80 25.29 -19.14 10.91
N ASP C 81 26.38 -19.86 10.69
CA ASP C 81 27.22 -20.33 11.80
C ASP C 81 27.76 -19.14 12.63
N LYS C 82 28.03 -18.02 11.99
CA LYS C 82 28.46 -16.81 12.71
C LYS C 82 27.28 -16.12 13.40
N SER C 83 26.11 -16.19 12.77
CA SER C 83 24.91 -15.61 13.35
C SER C 83 24.58 -16.30 14.66
N ALA C 84 24.67 -17.62 14.65
CA ALA C 84 24.51 -18.39 15.89
C ALA C 84 25.53 -18.02 17.00
N GLU C 85 26.75 -17.67 16.60
CA GLU C 85 27.76 -17.12 17.54
C GLU C 85 27.33 -15.76 18.12
N GLN C 86 26.74 -14.91 17.29
CA GLN C 86 26.19 -13.65 17.78
C GLN C 86 25.03 -13.90 18.76
N LEU C 87 24.22 -14.92 18.51
CA LEU C 87 23.10 -15.30 19.38
C LEU C 87 23.61 -15.84 20.74
N ASP C 88 24.59 -16.75 20.67
CA ASP C 88 25.32 -17.22 21.84
C ASP C 88 25.74 -16.06 22.77
N VAL C 89 26.45 -15.09 22.21
CA VAL C 89 26.89 -13.92 22.99
C VAL C 89 25.69 -13.13 23.56
N PHE C 90 24.69 -12.91 22.73
CA PHE C 90 23.50 -12.15 23.11
C PHE C 90 22.77 -12.77 24.29
N VAL C 91 22.53 -14.07 24.22
CA VAL C 91 21.88 -14.77 25.32
C VAL C 91 22.67 -14.60 26.63
N ASP C 92 23.99 -14.78 26.57
CA ASP C 92 24.83 -14.63 27.78
C ASP C 92 24.74 -13.23 28.40
N LYS C 93 24.68 -12.18 27.58
CA LYS C 93 24.48 -10.82 28.11
C LYS C 93 23.10 -10.63 28.76
N VAL C 94 22.06 -11.22 28.15
CA VAL C 94 20.70 -11.14 28.68
C VAL C 94 20.62 -11.88 30.01
N LEU C 95 21.16 -13.09 30.07
CA LEU C 95 21.19 -13.85 31.30
C LEU C 95 22.00 -13.15 32.37
N ASP C 96 23.11 -12.51 32.01
CA ASP C 96 23.89 -11.80 33.01
C ASP C 96 23.19 -10.57 33.63
N ALA C 97 22.55 -9.75 32.78
CA ALA C 97 21.80 -8.56 33.24
C ALA C 97 20.55 -8.97 34.07
N THR C 98 19.84 -9.98 33.58
CA THR C 98 18.61 -10.49 34.14
C THR C 98 18.78 -11.30 35.44
N GLY C 99 19.89 -12.04 35.56
CA GLY C 99 20.08 -13.00 36.66
C GLY C 99 19.41 -14.36 36.49
N ALA C 100 18.79 -14.61 35.35
CA ALA C 100 18.02 -15.85 35.18
C ALA C 100 18.93 -16.96 34.70
N PRO C 101 18.60 -18.22 35.04
CA PRO C 101 19.40 -19.34 34.56
C PRO C 101 19.24 -19.66 33.05
N LYS C 102 18.02 -19.46 32.53
CA LYS C 102 17.72 -19.77 31.11
C LYS C 102 16.85 -18.71 30.45
N ALA C 103 16.81 -18.75 29.13
CA ALA C 103 15.98 -17.87 28.35
C ALA C 103 15.05 -18.69 27.49
N ASP C 104 13.93 -18.08 27.10
CA ASP C 104 13.09 -18.65 26.07
C ASP C 104 13.39 -17.91 24.78
N LEU C 105 13.42 -18.67 23.68
CA LEU C 105 13.73 -18.15 22.36
C LEU C 105 12.54 -18.31 21.45
N VAL C 106 12.20 -17.21 20.76
CA VAL C 106 11.19 -17.20 19.71
C VAL C 106 11.80 -16.60 18.43
N GLY C 107 11.65 -17.34 17.32
CA GLY C 107 12.22 -16.92 16.06
C GLY C 107 11.33 -17.11 14.86
N HIS C 108 11.51 -16.23 13.88
CA HIS C 108 10.73 -16.27 12.64
C HIS C 108 11.65 -16.71 11.51
N SER C 109 11.26 -17.77 10.79
CA SER C 109 11.90 -18.14 9.51
C SER C 109 13.36 -18.57 9.76
N GLN C 110 14.34 -17.90 9.14
CA GLN C 110 15.74 -18.11 9.50
C GLN C 110 15.99 -18.12 11.02
N GLY C 111 15.43 -17.15 11.73
CA GLY C 111 15.60 -16.99 13.17
C GLY C 111 14.95 -18.05 14.06
N GLY C 112 14.03 -18.82 13.48
CA GLY C 112 13.49 -19.99 14.11
C GLY C 112 14.30 -21.25 13.92
N MET C 113 15.11 -21.28 12.84
CA MET C 113 16.01 -22.39 12.50
C MET C 113 17.40 -22.23 13.10
N MET C 114 17.95 -21.03 12.94
CA MET C 114 19.33 -20.72 13.33
C MET C 114 19.67 -21.02 14.80
N PRO C 115 18.74 -20.79 15.75
CA PRO C 115 19.09 -21.12 17.13
C PRO C 115 19.41 -22.58 17.38
N ASN C 116 18.94 -23.47 16.52
CA ASN C 116 19.33 -24.87 16.59
C ASN C 116 20.86 -25.08 16.46
N TYR C 117 21.52 -24.27 15.63
CA TYR C 117 22.97 -24.28 15.56
C TYR C 117 23.60 -23.93 16.91
N TYR C 118 23.10 -22.87 17.53
CA TYR C 118 23.48 -22.48 18.89
C TYR C 118 23.28 -23.58 19.88
N LEU C 119 22.11 -24.23 19.80
CA LEU C 119 21.74 -25.31 20.73
C LEU C 119 22.70 -26.53 20.70
N LYS C 120 23.03 -26.95 19.49
CA LYS C 120 23.82 -28.16 19.27
C LYS C 120 25.32 -27.94 19.38
N PHE C 121 25.81 -26.77 18.97
CA PHE C 121 27.24 -26.54 18.76
C PHE C 121 27.91 -25.46 19.61
N LEU C 122 27.15 -24.72 20.42
CA LEU C 122 27.67 -23.56 21.13
C LEU C 122 27.20 -23.45 22.58
N GLY C 123 26.75 -24.58 23.15
CA GLY C 123 26.32 -24.61 24.57
C GLY C 123 24.92 -24.04 24.83
N GLY C 124 24.10 -23.95 23.78
CA GLY C 124 22.77 -23.39 23.89
C GLY C 124 21.80 -24.27 24.67
N ALA C 125 21.96 -25.59 24.60
CA ALA C 125 21.11 -26.54 25.33
C ALA C 125 20.94 -26.23 26.82
N ASP C 126 22.03 -25.86 27.47
CA ASP C 126 22.04 -25.55 28.90
C ASP C 126 21.37 -24.20 29.25
N LYS C 127 21.19 -23.31 28.27
CA LYS C 127 20.78 -21.91 28.52
C LYS C 127 19.40 -21.50 27.98
N VAL C 128 18.71 -22.44 27.37
CA VAL C 128 17.50 -22.20 26.66
C VAL C 128 16.49 -23.21 27.15
N ASN C 129 15.40 -22.71 27.73
CA ASN C 129 14.32 -23.59 28.18
C ASN C 129 13.46 -23.99 26.98
N ALA C 130 12.96 -23.00 26.25
CA ALA C 130 12.08 -23.23 25.09
C ALA C 130 12.58 -22.53 23.80
N LEU C 131 12.50 -23.24 22.68
CA LEU C 131 12.67 -22.69 21.36
C LEU C 131 11.32 -22.77 20.62
N VAL C 132 10.75 -21.59 20.33
CA VAL C 132 9.53 -21.46 19.51
C VAL C 132 9.92 -20.97 18.12
N GLY C 133 9.65 -21.78 17.12
CA GLY C 133 9.94 -21.45 15.73
C GLY C 133 8.65 -21.10 15.00
N ILE C 134 8.58 -19.89 14.46
CA ILE C 134 7.46 -19.48 13.61
C ILE C 134 7.92 -19.59 12.16
N ALA C 135 7.36 -20.56 11.44
CA ALA C 135 7.74 -20.82 10.06
C ALA C 135 9.25 -21.04 9.91
N PRO C 136 9.85 -21.91 10.79
CA PRO C 136 11.30 -22.09 10.77
C PRO C 136 11.73 -22.98 9.61
N ASP C 137 12.75 -22.56 8.84
CA ASP C 137 13.26 -23.43 7.75
C ASP C 137 14.25 -24.45 8.26
N ASN C 138 13.74 -25.35 9.13
CA ASN C 138 14.57 -26.28 9.91
C ASN C 138 15.28 -27.34 9.09
N HIS C 139 14.83 -27.62 7.87
CA HIS C 139 15.55 -28.53 6.97
C HIS C 139 15.87 -27.83 5.65
N GLY C 140 15.98 -26.51 5.72
CA GLY C 140 16.34 -25.68 4.58
C GLY C 140 15.18 -25.51 3.63
N THR C 141 15.46 -24.97 2.45
CA THR C 141 14.44 -24.69 1.44
C THR C 141 15.11 -24.58 0.08
N THR C 142 14.34 -24.22 -0.94
CA THR C 142 14.88 -24.00 -2.28
C THR C 142 15.33 -22.54 -2.39
N LEU C 143 16.22 -22.25 -3.34
CA LEU C 143 16.58 -20.87 -3.63
C LEU C 143 15.41 -20.08 -4.20
N LEU C 144 14.68 -20.71 -5.12
CA LEU C 144 13.47 -20.11 -5.67
C LEU C 144 12.49 -19.72 -4.57
N GLY C 145 12.38 -20.56 -3.55
CA GLY C 145 11.57 -20.27 -2.38
C GLY C 145 11.99 -19.00 -1.66
N LEU C 146 13.29 -18.87 -1.37
CA LEU C 146 13.81 -17.68 -0.66
C LEU C 146 13.61 -16.39 -1.47
N THR C 147 13.66 -16.54 -2.79
CA THR C 147 13.29 -15.48 -3.74
C THR C 147 11.94 -14.81 -3.45
N LYS C 148 10.97 -15.57 -2.99
CA LYS C 148 9.64 -15.03 -2.70
C LYS C 148 9.57 -14.11 -1.46
N LEU C 149 10.64 -14.05 -0.67
CA LEU C 149 10.76 -13.01 0.35
C LEU C 149 10.99 -11.62 -0.22
N LEU C 150 11.52 -11.52 -1.44
CA LEU C 150 12.02 -10.24 -1.95
C LEU C 150 10.99 -9.14 -2.19
N PRO C 151 9.75 -9.46 -2.62
CA PRO C 151 8.71 -8.39 -2.70
C PRO C 151 8.44 -7.67 -1.37
N PHE C 152 8.68 -8.37 -0.26
CA PHE C 152 8.52 -7.79 1.05
C PHE C 152 9.67 -6.87 1.45
N PHE C 153 10.82 -6.98 0.79
CA PHE C 153 11.97 -6.15 1.14
C PHE C 153 12.59 -5.49 -0.09
N PRO C 154 11.85 -4.59 -0.73
CA PRO C 154 12.45 -3.97 -1.91
C PRO C 154 13.63 -3.09 -1.47
N GLY C 155 14.61 -2.94 -2.35
CA GLY C 155 15.80 -2.17 -2.02
C GLY C 155 16.83 -2.95 -1.24
N VAL C 156 16.58 -4.25 -1.02
CA VAL C 156 17.60 -5.18 -0.57
C VAL C 156 18.24 -5.83 -1.78
N GLU C 157 17.58 -5.80 -2.93
CA GLU C 157 18.13 -6.47 -4.12
C GLU C 157 19.51 -5.92 -4.50
N LYS C 158 19.70 -4.59 -4.43
CA LYS C 158 20.99 -3.97 -4.77
C LYS C 158 22.15 -4.37 -3.82
N PHE C 159 21.87 -4.47 -2.52
CA PHE C 159 22.88 -4.86 -1.53
C PHE C 159 23.17 -6.40 -1.50
N ILE C 160 22.60 -7.22 -2.38
CA ILE C 160 22.83 -8.69 -2.34
C ILE C 160 23.32 -9.29 -3.66
N SER C 161 23.82 -10.51 -3.54
CA SER C 161 24.22 -11.32 -4.69
C SER C 161 24.33 -12.81 -4.31
N ASP C 162 24.65 -13.62 -5.32
CA ASP C 162 25.00 -15.05 -5.17
C ASP C 162 26.11 -15.34 -4.12
N ASN C 163 26.97 -14.33 -3.86
CA ASN C 163 27.91 -14.29 -2.72
C ASN C 163 27.27 -13.61 -1.46
N THR C 164 26.11 -14.13 -1.03
CA THR C 164 25.45 -13.72 0.22
C THR C 164 25.25 -15.00 1.03
N PRO C 165 26.14 -15.25 2.01
CA PRO C 165 26.13 -16.59 2.61
C PRO C 165 24.84 -16.98 3.34
N GLY C 166 24.15 -16.02 3.94
CA GLY C 166 22.86 -16.28 4.62
C GLY C 166 21.75 -16.91 3.78
N LEU C 167 21.72 -16.57 2.50
CA LEU C 167 20.82 -17.20 1.56
C LEU C 167 21.33 -18.58 1.18
N ALA C 168 22.58 -18.66 0.74
CA ALA C 168 23.15 -19.94 0.30
C ALA C 168 23.11 -20.97 1.42
N ASP C 169 23.45 -20.56 2.64
CA ASP C 169 23.39 -21.44 3.84
C ASP C 169 21.99 -22.05 4.12
N GLN C 170 20.91 -21.39 3.69
CA GLN C 170 19.56 -21.92 3.92
C GLN C 170 19.07 -22.91 2.87
N VAL C 171 19.79 -23.08 1.77
CA VAL C 171 19.35 -23.97 0.69
C VAL C 171 19.54 -25.41 1.18
N ALA C 172 18.54 -26.27 1.01
CA ALA C 172 18.67 -27.69 1.41
C ALA C 172 19.83 -28.36 0.64
N GLY C 173 20.58 -29.22 1.32
CA GLY C 173 21.80 -29.80 0.76
C GLY C 173 23.06 -28.93 0.80
N SER C 174 22.98 -27.70 1.30
CA SER C 174 24.18 -26.88 1.51
C SER C 174 25.05 -27.45 2.66
N PRO C 175 26.35 -27.08 2.70
CA PRO C 175 27.19 -27.48 3.86
C PRO C 175 26.55 -27.15 5.22
N PHE C 176 26.02 -25.92 5.35
CA PHE C 176 25.41 -25.50 6.60
C PHE C 176 24.23 -26.40 7.06
N ILE C 177 23.25 -26.66 6.18
CA ILE C 177 22.07 -27.44 6.58
C ILE C 177 22.41 -28.92 6.79
N THR C 178 23.30 -29.46 5.94
CA THR C 178 23.76 -30.84 6.09
C THR C 178 24.35 -31.01 7.50
N LYS C 179 25.24 -30.09 7.85
CA LYS C 179 25.86 -30.06 9.16
C LYS C 179 24.83 -29.90 10.30
N LEU C 180 23.87 -28.99 10.13
CA LEU C 180 22.88 -28.75 11.18
C LEU C 180 22.03 -30.00 11.45
N THR C 181 21.61 -30.67 10.38
CA THR C 181 20.65 -31.80 10.48
C THR C 181 21.26 -33.22 10.36
N ALA C 182 22.60 -33.33 10.45
CA ALA C 182 23.30 -34.65 10.46
C ALA C 182 22.82 -35.57 11.62
N GLY C 183 22.93 -35.10 12.86
CA GLY C 183 22.34 -35.79 14.00
C GLY C 183 20.81 -35.62 14.01
N GLY C 184 20.21 -35.83 15.17
CA GLY C 184 18.78 -35.56 15.32
C GLY C 184 18.39 -34.10 15.11
N ASP C 185 17.10 -33.86 14.96
CA ASP C 185 16.54 -32.52 14.95
C ASP C 185 16.72 -31.77 16.27
N THR C 186 16.61 -32.50 17.38
CA THR C 186 16.52 -31.90 18.70
C THR C 186 17.62 -32.31 19.64
N VAL C 187 17.75 -31.51 20.69
CA VAL C 187 18.74 -31.60 21.70
C VAL C 187 17.97 -31.93 23.00
N PRO C 188 18.53 -32.80 23.86
CA PRO C 188 17.91 -33.05 25.16
C PRO C 188 17.72 -31.81 26.04
N GLY C 189 16.54 -31.69 26.67
CA GLY C 189 16.28 -30.66 27.67
C GLY C 189 15.47 -29.47 27.19
N VAL C 190 15.45 -29.22 25.88
CA VAL C 190 14.78 -28.04 25.32
C VAL C 190 13.34 -28.40 24.95
N ARG C 191 12.40 -27.55 25.32
CA ARG C 191 11.01 -27.69 24.88
C ARG C 191 10.84 -26.94 23.55
N TYR C 192 10.57 -27.69 22.48
CA TYR C 192 10.39 -27.14 21.13
C TYR C 192 8.91 -26.94 20.72
N THR C 193 8.61 -25.75 20.20
CA THR C 193 7.34 -25.51 19.48
C THR C 193 7.61 -25.01 18.05
N VAL C 194 6.90 -25.60 17.08
CA VAL C 194 6.90 -25.11 15.70
C VAL C 194 5.47 -24.77 15.29
N ILE C 195 5.26 -23.54 14.81
CA ILE C 195 4.00 -23.05 14.28
C ILE C 195 4.23 -22.76 12.80
N ALA C 196 3.57 -23.53 11.94
CA ALA C 196 3.67 -23.46 10.48
C ALA C 196 2.32 -23.09 9.88
N THR C 197 2.35 -22.53 8.67
CA THR C 197 1.13 -22.25 7.89
C THR C 197 1.16 -23.05 6.59
N LYS C 198 0.03 -23.64 6.25
CA LYS C 198 -0.06 -24.43 5.00
C LYS C 198 0.07 -23.60 3.73
N TYR C 199 -0.13 -22.28 3.83
CA TYR C 199 0.05 -21.37 2.68
C TYR C 199 1.46 -20.76 2.56
N ASP C 200 2.45 -21.34 3.22
CA ASP C 200 3.85 -20.89 3.11
C ASP C 200 4.28 -21.03 1.65
N GLN C 201 4.83 -19.95 1.11
CA GLN C 201 5.35 -19.90 -0.26
C GLN C 201 6.90 -19.90 -0.30
N VAL C 202 7.56 -19.69 0.85
CA VAL C 202 9.01 -19.57 0.97
C VAL C 202 9.68 -20.92 1.29
N VAL C 203 9.14 -21.62 2.28
CA VAL C 203 9.74 -22.85 2.79
C VAL C 203 8.80 -24.02 2.53
N THR C 204 9.06 -24.73 1.43
CA THR C 204 8.17 -25.78 0.91
C THR C 204 8.94 -27.09 0.65
N PRO C 205 8.30 -28.27 0.77
CA PRO C 205 6.97 -28.45 1.39
C PRO C 205 6.95 -28.03 2.86
N TYR C 206 5.79 -27.58 3.35
CA TYR C 206 5.76 -26.90 4.64
C TYR C 206 6.02 -27.85 5.84
N ARG C 207 5.79 -29.15 5.68
CA ARG C 207 6.02 -30.10 6.77
C ARG C 207 7.51 -30.27 7.12
N THR C 208 8.41 -29.88 6.20
CA THR C 208 9.84 -29.87 6.49
C THR C 208 10.26 -28.89 7.61
N GLN C 209 9.36 -27.96 7.96
CA GLN C 209 9.58 -27.01 9.06
C GLN C 209 9.43 -27.66 10.43
N TYR C 210 8.70 -28.78 10.48
CA TYR C 210 8.50 -29.50 11.73
C TYR C 210 9.79 -30.20 12.20
N LEU C 211 9.88 -30.36 13.51
CA LEU C 211 10.98 -31.06 14.17
C LEU C 211 10.49 -32.46 14.59
N ASP C 212 11.32 -33.46 14.32
CA ASP C 212 11.11 -34.83 14.79
C ASP C 212 11.87 -35.01 16.11
N GLY C 213 11.14 -35.15 17.22
CA GLY C 213 11.78 -35.43 18.50
C GLY C 213 10.86 -35.71 19.67
N PRO C 214 11.44 -36.16 20.81
CA PRO C 214 10.70 -36.46 22.05
C PRO C 214 9.88 -35.33 22.66
N ASN C 215 10.42 -34.11 22.64
CA ASN C 215 9.87 -32.97 23.39
C ASN C 215 9.47 -31.78 22.45
N VAL C 216 8.71 -32.13 21.39
CA VAL C 216 8.33 -31.21 20.31
C VAL C 216 6.80 -31.12 20.18
N ARG C 217 6.23 -29.91 20.10
CA ARG C 217 4.85 -29.73 19.61
C ARG C 217 4.85 -28.98 18.27
N ASN C 218 4.48 -29.69 17.22
CA ASN C 218 4.33 -29.15 15.89
C ASN C 218 2.88 -28.79 15.61
N VAL C 219 2.63 -27.51 15.37
CA VAL C 219 1.29 -26.92 15.20
C VAL C 219 1.09 -26.37 13.79
N LEU C 220 -0.11 -26.61 13.25
CA LEU C 220 -0.54 -26.02 11.99
C LEU C 220 -1.43 -24.83 12.36
N LEU C 221 -1.09 -23.66 11.84
CA LEU C 221 -1.84 -22.42 12.11
C LEU C 221 -3.35 -22.59 11.85
N GLN C 222 -3.67 -23.27 10.76
CA GLN C 222 -5.05 -23.47 10.32
C GLN C 222 -5.89 -24.43 11.20
N ASP C 223 -5.27 -25.25 12.06
CA ASP C 223 -6.01 -26.02 13.08
C ASP C 223 -6.50 -25.10 14.20
N LEU C 224 -5.82 -23.97 14.39
CA LEU C 224 -6.20 -22.94 15.37
C LEU C 224 -7.32 -22.05 14.81
N CYS C 225 -7.13 -21.57 13.58
CA CYS C 225 -8.13 -20.80 12.86
C CYS C 225 -8.08 -21.16 11.39
N PRO C 226 -9.06 -21.96 10.91
CA PRO C 226 -9.12 -22.40 9.49
C PRO C 226 -9.18 -21.28 8.45
N VAL C 227 -9.61 -20.09 8.85
CA VAL C 227 -9.70 -18.93 7.93
C VAL C 227 -8.60 -17.86 8.21
N ASP C 228 -7.56 -18.27 8.94
CA ASP C 228 -6.32 -17.51 9.01
C ASP C 228 -5.46 -18.03 7.85
N LEU C 229 -5.25 -17.14 6.87
CA LEU C 229 -4.64 -17.49 5.61
C LEU C 229 -3.23 -16.86 5.46
N SER C 230 -2.66 -16.37 6.57
CA SER C 230 -1.28 -15.84 6.61
C SER C 230 -0.30 -16.75 5.85
N GLU C 231 0.56 -16.11 5.05
CA GLU C 231 1.65 -16.82 4.41
C GLU C 231 2.92 -16.63 5.31
N HIS C 232 4.11 -16.87 4.74
CA HIS C 232 5.38 -16.95 5.47
C HIS C 232 5.77 -15.67 6.22
N VAL C 233 5.59 -14.51 5.61
CA VAL C 233 5.93 -13.24 6.27
C VAL C 233 4.91 -12.84 7.32
N ALA C 234 3.63 -12.92 6.97
CA ALA C 234 2.59 -12.43 7.87
C ALA C 234 2.58 -13.22 9.20
N ILE C 235 2.74 -14.54 9.12
CA ILE C 235 2.68 -15.40 10.30
C ILE C 235 3.65 -14.98 11.41
N GLY C 236 4.84 -14.51 11.03
CA GLY C 236 5.84 -14.03 11.99
C GLY C 236 5.87 -12.55 12.36
N THR C 237 5.03 -11.74 11.73
CA THR C 237 5.10 -10.26 11.84
C THR C 237 3.83 -9.66 12.44
N ILE C 238 2.69 -10.02 11.87
CA ILE C 238 1.39 -9.40 12.25
C ILE C 238 0.30 -10.34 12.76
N ASP C 239 0.51 -11.65 12.68
CA ASP C 239 -0.52 -12.62 12.98
C ASP C 239 -0.71 -12.86 14.49
N ARG C 240 -1.75 -12.26 15.08
CA ARG C 240 -1.97 -12.32 16.53
C ARG C 240 -2.45 -13.71 16.97
N ILE C 241 -2.99 -14.48 16.01
CA ILE C 241 -3.35 -15.85 16.24
C ILE C 241 -2.09 -16.67 16.53
N ALA C 242 -1.09 -16.58 15.64
CA ALA C 242 0.18 -17.25 15.88
C ALA C 242 0.82 -16.79 17.19
N PHE C 243 0.71 -15.52 17.49
CA PHE C 243 1.34 -14.96 18.67
C PHE C 243 0.66 -15.37 19.96
N HIS C 244 -0.64 -15.65 19.91
CA HIS C 244 -1.33 -16.21 21.06
C HIS C 244 -0.82 -17.65 21.31
N GLU C 245 -0.58 -18.39 20.22
CA GLU C 245 0.05 -19.71 20.34
C GLU C 245 1.50 -19.61 20.85
N VAL C 246 2.21 -18.54 20.45
CA VAL C 246 3.54 -18.26 21.03
C VAL C 246 3.44 -18.05 22.55
N ALA C 247 2.52 -17.18 22.99
CA ALA C 247 2.32 -16.90 24.43
C ALA C 247 1.88 -18.13 25.26
N ASN C 248 1.21 -19.09 24.62
CA ASN C 248 0.99 -20.41 25.17
C ASN C 248 2.27 -21.19 25.39
N ALA C 249 3.17 -21.22 24.40
CA ALA C 249 4.42 -21.97 24.55
C ALA C 249 5.39 -21.35 25.60
N LEU C 250 5.26 -20.06 25.85
CA LEU C 250 6.03 -19.35 26.87
C LEU C 250 5.48 -19.45 28.29
N ASP C 251 4.25 -19.92 28.44
CA ASP C 251 3.67 -20.23 29.77
C ASP C 251 2.62 -21.37 29.65
N PRO C 252 3.06 -22.60 29.39
CA PRO C 252 2.11 -23.68 29.01
C PRO C 252 1.11 -24.10 30.09
N ALA C 253 1.40 -23.77 31.36
CA ALA C 253 0.46 -23.99 32.47
C ALA C 253 -0.82 -23.16 32.28
N ARG C 254 -0.66 -21.86 32.01
CA ARG C 254 -1.79 -20.94 31.76
C ARG C 254 -2.26 -20.83 30.29
N ALA C 255 -1.89 -21.80 29.45
CA ALA C 255 -2.31 -21.85 28.03
C ALA C 255 -3.82 -22.06 27.86
N THR C 256 -4.49 -21.10 27.18
CA THR C 256 -5.89 -21.27 26.76
C THR C 256 -5.90 -21.65 25.27
N PRO C 257 -6.89 -22.43 24.81
CA PRO C 257 -6.81 -22.75 23.37
C PRO C 257 -6.83 -21.50 22.48
N THR C 258 -6.14 -21.58 21.33
CA THR C 258 -6.02 -20.45 20.40
C THR C 258 -7.07 -20.58 19.29
N THR C 259 -7.85 -19.51 19.09
CA THR C 259 -8.95 -19.49 18.09
C THR C 259 -8.87 -18.22 17.23
N CYS C 260 -9.80 -18.12 16.26
CA CYS C 260 -9.96 -16.93 15.42
C CYS C 260 -10.16 -15.64 16.24
N ALA C 261 -10.80 -15.77 17.42
CA ALA C 261 -10.96 -14.68 18.41
C ALA C 261 -9.76 -13.80 18.67
N SER C 262 -8.54 -14.36 18.57
CA SER C 262 -7.30 -13.60 18.83
C SER C 262 -7.01 -12.42 17.87
N VAL C 263 -7.66 -12.38 16.69
CA VAL C 263 -7.42 -11.32 15.69
C VAL C 263 -7.80 -9.95 16.26
N ILE C 264 -8.96 -9.92 16.91
CA ILE C 264 -9.54 -8.76 17.61
C ILE C 264 -8.76 -8.45 18.90
N GLY C 265 -8.59 -7.17 19.24
CA GLY C 265 -8.19 -6.73 20.60
C GLY C 265 -9.43 -6.61 21.48
#